data_4L2I
#
_entry.id   4L2I
#
_cell.length_a   79.520
_cell.length_b   84.790
_cell.length_c   106.410
_cell.angle_alpha   90.00
_cell.angle_beta   90.00
_cell.angle_gamma   90.00
#
_symmetry.space_group_name_H-M   'P 21 21 21'
#
loop_
_entity.id
_entity.type
_entity.pdbx_description
1 polymer 'Electron transfer flavoprotein alpha subunit'
2 polymer 'Electron transfer flavoprotein alpha/beta-subunit'
3 non-polymer 'FLAVIN-ADENINE DINUCLEOTIDE'
4 non-polymer 'CHLORIDE ION'
5 non-polymer NICOTINAMIDE-ADENINE-DINUCLEOTIDE
6 water water
#
loop_
_entity_poly.entity_id
_entity_poly.type
_entity_poly.pdbx_seq_one_letter_code
_entity_poly.pdbx_strand_id
1 'polypeptide(L)'
;MANTKGLKTGNEKDLWVYVEHYKGEPVHVVYELLGECRKLADKCNQKLAAVLITDDAKDVPSKLIARGADLVYVCQDPAF
KYYSTDEYTNAFCEMIDEYQPSSVFIGATNDGRDLGPRIAARVNTGLCADCTILDAEEDGLIEWTRPAAGGNIMATILCK
EHRPQMGTVRPKTFKAMEPDASRTGEVINYTLKNHVDDRVTCIRREEVVSEGEMAIDDAPFVCSGGRGMKAKENFSLLYD
LAHALGGAVGGSRAAVDEGFIEHPRQVGQSGKTVTPKIYFACGISGSVQHKAGMSKSDTIVCINKDPDAPMFEISKYGIV
GDALKILPLLTAKIKAFKESHHHHHH
;
A
2 'polypeptide(L)'
;MNIVVCVKQVPDTAEMKIDPVTNNLVRDGVTNIMNPYDQYALETALQLKDELGAHVTVITMGPPHAESVLRDCLAVGADE
AKLVSDRAFGGADTLATSAAMANTIKHFGVPDLILCGRQAIDGDTAQVGPEIAEHLGLPQVTAALKVQVKDDTVVVDRDN
EQMSMTFTMKMPCVVTVMRSKDLRFASIRGKMKARKAEIPVYTAAALEIPLDIIGKAGSPTQVMKSFTPKVTQVHGEIFD
DEDPAVAVDKLVNKLIEDKIITK
;
B
#
loop_
_chem_comp.id
_chem_comp.type
_chem_comp.name
_chem_comp.formula
CL non-polymer 'CHLORIDE ION' 'Cl -1'
FAD non-polymer 'FLAVIN-ADENINE DINUCLEOTIDE' 'C27 H33 N9 O15 P2'
NAD non-polymer NICOTINAMIDE-ADENINE-DINUCLEOTIDE 'C21 H27 N7 O14 P2'
#
# COMPACT_ATOMS: atom_id res chain seq x y z
N ASN A 3 -4.64 28.16 6.40
CA ASN A 3 -4.40 29.56 5.91
C ASN A 3 -4.08 29.55 4.38
N THR A 4 -2.94 30.05 3.88
CA THR A 4 -2.73 30.01 2.37
C THR A 4 -1.59 29.17 1.69
N LYS A 5 -0.80 28.41 2.47
CA LYS A 5 0.29 27.57 1.88
C LYS A 5 -0.28 26.54 0.93
N GLY A 6 0.38 26.42 -0.21
CA GLY A 6 -0.05 25.47 -1.29
C GLY A 6 -1.18 25.94 -2.12
N LEU A 7 -1.77 27.07 -1.92
CA LEU A 7 -2.89 27.53 -2.75
C LEU A 7 -2.44 27.83 -4.19
N LYS A 8 -3.32 27.59 -5.14
CA LYS A 8 -2.93 27.77 -6.50
C LYS A 8 -2.66 29.20 -6.85
N THR A 9 -1.69 29.35 -7.73
CA THR A 9 -1.32 30.66 -8.30
C THR A 9 -2.12 30.95 -9.55
N GLY A 10 -2.58 29.83 -10.15
CA GLY A 10 -3.18 29.84 -11.47
C GLY A 10 -2.21 29.71 -12.59
N ASN A 11 -0.91 29.74 -12.33
CA ASN A 11 0.12 29.69 -13.38
C ASN A 11 0.80 28.32 -13.47
N GLU A 12 0.32 27.37 -12.67
CA GLU A 12 0.89 26.04 -12.65
C GLU A 12 0.53 25.38 -14.00
N LYS A 13 1.46 24.57 -14.45
CA LYS A 13 1.28 23.82 -15.67
C LYS A 13 2.13 22.59 -15.72
N ASP A 14 1.59 21.59 -16.42
CA ASP A 14 2.20 20.31 -16.79
C ASP A 14 1.91 19.25 -15.75
N LEU A 15 1.88 18.01 -16.28
CA LEU A 15 1.66 16.82 -15.48
C LEU A 15 2.99 16.07 -15.29
N TRP A 16 3.38 15.83 -14.02
CA TRP A 16 4.65 15.19 -13.72
C TRP A 16 4.53 13.74 -13.22
N VAL A 17 5.38 12.87 -13.78
CA VAL A 17 5.42 11.48 -13.37
C VAL A 17 6.78 11.22 -12.70
N TYR A 18 6.69 10.69 -11.49
CA TYR A 18 7.87 10.35 -10.69
C TYR A 18 8.55 9.09 -11.23
N VAL A 19 9.79 9.22 -11.64
CA VAL A 19 10.65 8.07 -12.09
C VAL A 19 11.28 7.24 -10.92
N GLU A 20 10.50 6.29 -10.40
CA GLU A 20 11.01 5.24 -9.58
C GLU A 20 11.94 4.37 -10.39
N HIS A 21 13.15 4.14 -9.87
CA HIS A 21 14.14 3.35 -10.59
C HIS A 21 14.81 2.30 -9.70
N TYR A 22 15.30 1.23 -10.35
CA TYR A 22 16.02 0.13 -9.75
C TYR A 22 17.12 -0.30 -10.72
N LYS A 23 18.30 -0.53 -10.18
CA LYS A 23 19.53 -0.77 -10.96
C LYS A 23 19.66 0.33 -12.05
N GLY A 24 19.35 1.57 -11.65
CA GLY A 24 19.34 2.72 -12.59
C GLY A 24 18.20 2.92 -13.55
N GLU A 25 17.42 1.87 -13.74
CA GLU A 25 16.35 1.75 -14.79
C GLU A 25 14.95 1.99 -14.18
N PRO A 26 14.07 2.74 -14.91
CA PRO A 26 12.73 2.92 -14.39
C PRO A 26 12.00 1.59 -14.18
N VAL A 27 11.25 1.49 -13.08
CA VAL A 27 10.36 0.35 -12.88
C VAL A 27 9.15 0.59 -13.83
N HIS A 28 8.49 -0.52 -14.21
CA HIS A 28 7.48 -0.45 -15.21
C HIS A 28 6.29 0.44 -14.90
N VAL A 29 5.97 0.67 -13.61
CA VAL A 29 4.86 1.54 -13.32
C VAL A 29 5.12 2.97 -13.84
N VAL A 30 6.37 3.36 -13.96
CA VAL A 30 6.68 4.65 -14.55
C VAL A 30 6.15 4.83 -15.97
N TYR A 31 6.34 3.76 -16.75
CA TYR A 31 5.93 3.72 -18.12
C TYR A 31 4.38 3.60 -18.24
N GLU A 32 3.76 2.83 -17.32
CA GLU A 32 2.30 2.79 -17.17
C GLU A 32 1.73 4.21 -16.97
N LEU A 33 2.36 4.94 -16.02
CA LEU A 33 1.85 6.30 -15.77
C LEU A 33 2.13 7.28 -16.93
N LEU A 34 3.28 7.19 -17.58
CA LEU A 34 3.52 8.00 -18.74
C LEU A 34 2.41 7.68 -19.84
N GLY A 35 1.96 6.41 -20.01
CA GLY A 35 0.94 6.13 -21.02
C GLY A 35 -0.36 6.78 -20.64
N GLU A 36 -0.77 6.65 -19.37
CA GLU A 36 -2.06 7.19 -19.00
C GLU A 36 -2.00 8.69 -19.05
N CYS A 37 -0.92 9.23 -18.40
CA CYS A 37 -0.82 10.71 -18.22
C CYS A 37 -0.62 11.41 -19.57
N ARG A 38 -0.08 10.73 -20.59
CA ARG A 38 -0.02 11.23 -21.97
C ARG A 38 -1.45 11.60 -22.47
N LYS A 39 -2.42 10.75 -22.11
CA LYS A 39 -3.83 11.03 -22.50
C LYS A 39 -4.39 12.22 -21.73
N LEU A 40 -4.07 12.29 -20.44
CA LEU A 40 -4.55 13.38 -19.62
C LEU A 40 -3.91 14.70 -20.09
N ALA A 41 -2.63 14.64 -20.48
CA ALA A 41 -1.88 15.92 -20.76
C ALA A 41 -2.46 16.47 -22.09
N ASP A 42 -2.73 15.53 -23.02
CA ASP A 42 -3.35 15.88 -24.34
C ASP A 42 -4.75 16.49 -24.14
N LYS A 43 -5.51 15.99 -23.15
CA LYS A 43 -6.86 16.49 -22.84
C LYS A 43 -6.83 17.95 -22.34
N CYS A 44 -5.77 18.32 -21.65
CA CYS A 44 -5.73 19.65 -21.17
C CYS A 44 -4.68 20.54 -21.83
N ASN A 45 -4.09 20.05 -22.94
CA ASN A 45 -3.04 20.78 -23.65
C ASN A 45 -1.93 21.32 -22.74
N GLN A 46 -1.42 20.41 -21.92
CA GLN A 46 -0.25 20.73 -21.06
C GLN A 46 0.83 19.69 -21.39
N LYS A 47 2.08 19.93 -20.95
CA LYS A 47 3.13 18.96 -21.21
C LYS A 47 3.17 17.87 -20.16
N LEU A 48 3.75 16.75 -20.59
CA LEU A 48 3.99 15.60 -19.69
C LEU A 48 5.50 15.57 -19.43
N ALA A 49 5.82 15.59 -18.14
CA ALA A 49 7.21 15.55 -17.64
C ALA A 49 7.44 14.26 -16.79
N ALA A 50 8.67 13.75 -16.90
CA ALA A 50 9.18 12.67 -16.04
C ALA A 50 10.22 13.34 -15.14
N VAL A 51 10.20 12.99 -13.84
CA VAL A 51 11.10 13.60 -12.82
C VAL A 51 12.04 12.50 -12.35
N LEU A 52 13.34 12.67 -12.68
CA LEU A 52 14.36 11.67 -12.44
C LEU A 52 15.40 12.17 -11.43
N ILE A 53 15.31 11.59 -10.24
CA ILE A 53 16.21 11.85 -9.10
C ILE A 53 17.07 10.58 -8.99
N THR A 54 18.35 10.73 -9.34
CA THR A 54 19.27 9.63 -9.49
C THR A 54 20.74 9.94 -9.30
N ASP A 55 21.54 8.91 -9.06
CA ASP A 55 22.98 8.98 -9.06
C ASP A 55 23.59 9.02 -10.46
N ASP A 56 22.85 8.52 -11.47
CA ASP A 56 23.37 8.43 -12.82
C ASP A 56 22.27 8.22 -13.85
N ALA A 57 22.04 9.29 -14.60
CA ALA A 57 20.94 9.30 -15.53
C ALA A 57 21.12 8.30 -16.66
N LYS A 58 22.36 7.93 -16.97
CA LYS A 58 22.63 6.97 -18.05
C LYS A 58 21.93 7.46 -19.34
N ASP A 59 21.21 6.58 -20.03
CA ASP A 59 20.45 6.92 -21.22
C ASP A 59 18.91 6.94 -20.91
N VAL A 60 18.58 7.02 -19.61
CA VAL A 60 17.20 6.94 -19.15
C VAL A 60 16.32 8.10 -19.63
N PRO A 61 16.86 9.32 -19.74
CA PRO A 61 15.94 10.38 -20.26
C PRO A 61 15.43 10.08 -21.67
N SER A 62 16.33 9.58 -22.52
CA SER A 62 15.94 9.13 -23.86
C SER A 62 14.79 8.10 -23.82
N LYS A 63 14.82 7.15 -22.88
CA LYS A 63 13.80 6.08 -22.83
C LYS A 63 12.45 6.68 -22.38
N LEU A 64 12.56 7.71 -21.48
CA LEU A 64 11.38 8.34 -20.89
C LEU A 64 10.62 9.15 -22.02
N ILE A 65 11.39 9.84 -22.84
CA ILE A 65 10.88 10.58 -24.00
C ILE A 65 10.22 9.59 -24.97
N ALA A 66 10.91 8.48 -25.26
CA ALA A 66 10.36 7.45 -26.21
C ALA A 66 9.06 6.86 -25.66
N ARG A 67 8.88 6.88 -24.36
CA ARG A 67 7.67 6.35 -23.72
C ARG A 67 6.59 7.41 -23.36
N GLY A 68 6.77 8.63 -23.89
CA GLY A 68 5.72 9.68 -23.89
C GLY A 68 6.09 11.01 -23.28
N ALA A 69 7.19 11.06 -22.55
CA ALA A 69 7.58 12.35 -21.86
C ALA A 69 7.98 13.46 -22.88
N ASP A 70 7.41 14.67 -22.71
CA ASP A 70 7.87 15.83 -23.44
C ASP A 70 9.13 16.44 -22.82
N LEU A 71 9.18 16.37 -21.48
CA LEU A 71 10.22 16.95 -20.66
C LEU A 71 10.72 15.89 -19.69
N VAL A 72 12.02 15.96 -19.40
CA VAL A 72 12.61 15.14 -18.35
C VAL A 72 13.48 16.04 -17.49
N TYR A 73 13.02 16.19 -16.27
CA TYR A 73 13.81 16.88 -15.20
C TYR A 73 14.74 15.89 -14.57
N VAL A 74 16.06 16.23 -14.54
CA VAL A 74 17.07 15.35 -13.95
C VAL A 74 17.76 16.08 -12.81
N CYS A 75 17.74 15.48 -11.63
CA CYS A 75 18.49 15.94 -10.49
C CYS A 75 19.41 14.78 -10.07
N GLN A 76 20.70 14.92 -10.40
CA GLN A 76 21.70 13.87 -10.17
C GLN A 76 22.65 14.18 -9.02
N ASP A 77 22.90 13.18 -8.19
CA ASP A 77 23.80 13.26 -7.02
C ASP A 77 24.07 11.83 -6.53
N PRO A 78 25.26 11.59 -5.98
CA PRO A 78 25.55 10.22 -5.49
C PRO A 78 24.62 9.78 -4.40
N ALA A 79 24.09 10.73 -3.65
CA ALA A 79 23.19 10.41 -2.54
C ALA A 79 21.88 9.81 -2.96
N PHE A 80 21.60 9.87 -4.28
CA PHE A 80 20.33 9.39 -4.79
C PHE A 80 20.38 7.98 -5.33
N LYS A 81 21.50 7.30 -5.16
CA LYS A 81 21.66 5.92 -5.64
C LYS A 81 20.46 5.04 -5.25
N TYR A 82 20.05 5.10 -4.00
CA TYR A 82 18.91 4.38 -3.46
C TYR A 82 17.80 5.37 -3.01
N TYR A 83 16.52 4.96 -3.15
CA TYR A 83 15.42 5.70 -2.59
C TYR A 83 15.66 6.00 -1.12
N SER A 84 15.47 7.27 -0.75
CA SER A 84 15.31 7.62 0.63
C SER A 84 14.28 8.76 0.81
N THR A 85 13.49 8.68 1.85
CA THR A 85 12.47 9.68 2.12
C THR A 85 13.12 11.07 2.14
N ASP A 86 14.18 11.20 2.94
CA ASP A 86 14.70 12.56 3.15
C ASP A 86 15.34 13.17 1.90
N GLU A 87 16.12 12.37 1.15
CA GLU A 87 16.78 12.86 -0.06
C GLU A 87 15.78 13.15 -1.20
N TYR A 88 14.91 12.20 -1.43
CA TYR A 88 14.02 12.34 -2.56
C TYR A 88 12.92 13.39 -2.33
N THR A 89 12.40 13.49 -1.12
CA THR A 89 11.39 14.48 -0.81
C THR A 89 11.99 15.88 -1.04
N ASN A 90 13.23 16.08 -0.52
CA ASN A 90 13.88 17.35 -0.72
C ASN A 90 14.06 17.73 -2.19
N ALA A 91 14.53 16.78 -3.00
CA ALA A 91 14.88 17.06 -4.37
C ALA A 91 13.56 17.33 -5.13
N PHE A 92 12.53 16.56 -4.78
CA PHE A 92 11.26 16.59 -5.54
C PHE A 92 10.61 17.96 -5.18
N CYS A 93 10.65 18.36 -3.90
CA CYS A 93 10.00 19.57 -3.50
C CYS A 93 10.74 20.80 -4.07
N GLU A 94 12.08 20.75 -4.15
CA GLU A 94 12.81 21.89 -4.74
C GLU A 94 12.37 22.05 -6.23
N MET A 95 12.13 20.91 -6.94
CA MET A 95 11.75 21.07 -8.32
C MET A 95 10.32 21.55 -8.51
N ILE A 96 9.40 21.10 -7.65
CA ILE A 96 8.02 21.62 -7.64
C ILE A 96 8.11 23.15 -7.42
N ASP A 97 8.88 23.59 -6.44
CA ASP A 97 8.94 25.00 -6.16
C ASP A 97 9.44 25.79 -7.36
N GLU A 98 10.53 25.28 -7.96
CA GLU A 98 11.20 25.96 -9.08
C GLU A 98 10.29 26.04 -10.32
N TYR A 99 9.63 24.94 -10.68
CA TYR A 99 8.98 24.79 -12.04
C TYR A 99 7.46 24.86 -11.98
N GLN A 100 6.87 24.61 -10.81
CA GLN A 100 5.41 24.78 -10.61
C GLN A 100 4.51 23.93 -11.53
N PRO A 101 4.59 22.60 -11.36
CA PRO A 101 3.64 21.75 -12.04
C PRO A 101 2.16 21.87 -11.62
N SER A 102 1.24 21.41 -12.51
CA SER A 102 -0.17 21.43 -12.18
C SER A 102 -0.58 20.17 -11.34
N SER A 103 0.03 19.04 -11.75
CA SER A 103 -0.28 17.76 -11.13
C SER A 103 0.96 16.88 -11.09
N VAL A 104 1.01 15.99 -10.10
CA VAL A 104 2.06 15.02 -9.91
C VAL A 104 1.43 13.63 -9.63
N PHE A 105 2.06 12.64 -10.30
CA PHE A 105 1.61 11.26 -10.34
C PHE A 105 2.75 10.34 -9.94
N ILE A 106 2.50 9.56 -8.88
CA ILE A 106 3.56 8.70 -8.26
C ILE A 106 2.99 7.25 -8.29
N GLY A 107 3.77 6.33 -8.84
CA GLY A 107 3.32 4.86 -8.80
C GLY A 107 3.16 4.46 -7.33
N ALA A 108 2.07 3.87 -6.94
CA ALA A 108 1.79 3.40 -5.63
C ALA A 108 2.50 2.16 -5.22
N THR A 109 3.83 2.19 -5.43
CA THR A 109 4.71 1.13 -4.97
C THR A 109 4.98 1.39 -3.45
N ASN A 110 5.67 0.45 -2.85
CA ASN A 110 5.99 0.54 -1.47
C ASN A 110 6.66 1.96 -1.20
N ASP A 111 7.68 2.25 -1.98
CA ASP A 111 8.41 3.54 -1.77
C ASP A 111 7.56 4.68 -2.26
N GLY A 112 6.78 4.54 -3.34
CA GLY A 112 5.96 5.66 -3.78
C GLY A 112 4.95 6.07 -2.73
N ARG A 113 4.43 5.11 -1.98
CA ARG A 113 3.50 5.31 -0.94
C ARG A 113 4.09 5.98 0.35
N ASP A 114 5.40 5.87 0.39
CA ASP A 114 6.21 6.56 1.41
C ASP A 114 6.47 8.04 1.01
N LEU A 115 6.88 8.24 -0.21
CA LEU A 115 7.21 9.48 -0.83
C LEU A 115 6.08 10.47 -0.96
N GLY A 116 5.00 10.04 -1.54
CA GLY A 116 3.90 10.89 -1.91
C GLY A 116 3.38 11.72 -0.76
N PRO A 117 3.06 11.08 0.37
CA PRO A 117 2.48 11.86 1.49
C PRO A 117 3.55 12.82 2.12
N ARG A 118 4.80 12.41 2.07
CA ARG A 118 5.88 13.37 2.57
C ARG A 118 5.82 14.61 1.71
N ILE A 119 5.89 14.50 0.38
CA ILE A 119 5.82 15.63 -0.47
C ILE A 119 4.55 16.44 -0.26
N ALA A 120 3.38 15.82 -0.23
CA ALA A 120 2.15 16.52 -0.12
C ALA A 120 2.08 17.41 1.16
N ALA A 121 2.50 16.82 2.24
CA ALA A 121 2.55 17.59 3.50
C ALA A 121 3.59 18.69 3.44
N ARG A 122 4.73 18.48 2.83
CA ARG A 122 5.75 19.53 2.74
C ARG A 122 5.25 20.66 1.91
N VAL A 123 4.58 20.41 0.78
CA VAL A 123 4.05 21.47 -0.04
C VAL A 123 2.73 22.05 0.45
N ASN A 124 1.97 21.27 1.23
CA ASN A 124 0.69 21.61 1.69
C ASN A 124 -0.37 21.53 0.61
N THR A 125 -0.52 20.31 0.07
CA THR A 125 -1.43 20.12 -1.02
C THR A 125 -2.14 18.78 -0.83
N GLY A 126 -3.08 18.55 -1.74
CA GLY A 126 -3.88 17.33 -1.70
C GLY A 126 -3.25 16.13 -2.41
N LEU A 127 -3.56 14.99 -1.80
CA LEU A 127 -3.04 13.69 -2.33
C LEU A 127 -4.09 12.62 -2.14
N CYS A 128 -4.37 11.99 -3.33
CA CYS A 128 -5.34 10.86 -3.48
C CYS A 128 -4.53 9.60 -3.66
N ALA A 129 -4.91 8.55 -2.91
CA ALA A 129 -4.04 7.35 -2.80
C ALA A 129 -4.41 6.15 -3.81
N ASP A 130 -3.38 5.57 -4.36
CA ASP A 130 -3.49 4.23 -5.02
C ASP A 130 -4.75 4.23 -5.95
N CYS A 131 -4.82 5.24 -6.78
CA CYS A 131 -5.94 5.45 -7.74
C CYS A 131 -5.90 4.43 -8.89
N THR A 132 -7.15 4.18 -9.34
CA THR A 132 -7.32 3.23 -10.44
C THR A 132 -7.99 3.77 -11.69
N ILE A 133 -8.58 4.94 -11.65
CA ILE A 133 -9.21 5.56 -12.76
C ILE A 133 -8.88 7.05 -12.68
N LEU A 134 -8.46 7.60 -13.80
CA LEU A 134 -8.05 9.04 -13.86
C LEU A 134 -8.72 9.74 -15.04
N ASP A 135 -9.10 11.00 -14.85
CA ASP A 135 -9.59 11.79 -15.97
C ASP A 135 -9.13 13.22 -15.78
N ALA A 136 -9.23 14.06 -16.78
CA ALA A 136 -8.87 15.47 -16.66
C ALA A 136 -9.81 16.37 -17.42
N GLU A 137 -10.08 17.56 -16.84
CA GLU A 137 -10.82 18.62 -17.49
C GLU A 137 -9.85 19.42 -18.40
N GLU A 138 -10.39 20.17 -19.35
CA GLU A 138 -9.60 20.92 -20.32
C GLU A 138 -8.68 21.91 -19.64
N ASP A 139 -9.07 22.34 -18.43
CA ASP A 139 -8.23 23.26 -17.65
C ASP A 139 -7.16 22.60 -16.82
N GLY A 140 -7.08 21.30 -16.80
CA GLY A 140 -6.04 20.68 -16.04
C GLY A 140 -6.41 20.18 -14.68
N LEU A 141 -7.68 20.33 -14.28
CA LEU A 141 -8.16 19.78 -13.07
C LEU A 141 -8.30 18.29 -13.20
N ILE A 142 -7.60 17.53 -12.38
CA ILE A 142 -7.56 16.06 -12.44
C ILE A 142 -8.67 15.51 -11.54
N GLU A 143 -9.42 14.56 -12.08
CA GLU A 143 -10.43 13.83 -11.39
C GLU A 143 -9.85 12.43 -11.00
N TRP A 144 -9.65 12.25 -9.69
CA TRP A 144 -8.96 11.08 -9.12
C TRP A 144 -10.01 10.11 -8.64
N THR A 145 -10.03 8.89 -9.28
CA THR A 145 -10.87 7.91 -8.71
C THR A 145 -10.13 6.67 -8.18
N ARG A 146 -10.58 6.24 -7.03
CA ARG A 146 -9.86 5.25 -6.25
C ARG A 146 -10.76 4.34 -5.45
N PRO A 147 -10.23 3.09 -5.26
CA PRO A 147 -10.97 2.21 -4.33
C PRO A 147 -10.63 2.55 -2.86
N ALA A 148 -11.61 2.53 -2.00
CA ALA A 148 -11.45 2.64 -0.56
C ALA A 148 -12.18 1.49 0.15
N ALA A 149 -12.10 1.35 1.47
CA ALA A 149 -12.78 0.33 2.19
C ALA A 149 -12.49 -1.08 1.61
N GLY A 150 -11.25 -1.38 1.30
CA GLY A 150 -10.86 -2.70 0.83
C GLY A 150 -11.38 -2.97 -0.59
N GLY A 151 -11.68 -1.91 -1.31
CA GLY A 151 -12.25 -2.02 -2.62
C GLY A 151 -13.76 -2.10 -2.67
N ASN A 152 -14.41 -2.06 -1.54
CA ASN A 152 -15.86 -2.05 -1.46
C ASN A 152 -16.54 -0.71 -1.82
N ILE A 153 -15.78 0.39 -1.75
CA ILE A 153 -16.30 1.72 -2.12
C ILE A 153 -15.32 2.30 -3.15
N MET A 154 -15.86 2.95 -4.20
CA MET A 154 -15.07 3.79 -5.07
C MET A 154 -15.35 5.25 -4.74
N ALA A 155 -14.29 6.05 -4.73
CA ALA A 155 -14.46 7.52 -4.51
C ALA A 155 -13.87 8.26 -5.68
N THR A 156 -14.56 9.33 -6.08
CA THR A 156 -14.05 10.28 -7.08
C THR A 156 -13.83 11.63 -6.29
N ILE A 157 -12.59 12.11 -6.38
CA ILE A 157 -12.05 13.18 -5.53
C ILE A 157 -11.40 14.24 -6.38
N LEU A 158 -11.50 15.48 -5.85
CA LEU A 158 -10.86 16.62 -6.48
C LEU A 158 -9.97 17.39 -5.46
N CYS A 159 -8.89 17.93 -6.03
CA CYS A 159 -7.99 18.91 -5.23
C CYS A 159 -8.16 20.25 -6.00
N LYS A 160 -9.19 21.00 -5.65
CA LYS A 160 -9.59 22.13 -6.49
C LYS A 160 -8.73 23.38 -6.45
N GLU A 161 -8.15 23.64 -5.28
CA GLU A 161 -7.50 24.91 -5.03
C GLU A 161 -6.03 24.83 -4.66
N HIS A 162 -5.54 23.67 -4.26
CA HIS A 162 -4.11 23.51 -3.92
C HIS A 162 -3.31 22.92 -5.05
N ARG A 163 -2.05 23.22 -5.20
CA ARG A 163 -1.18 22.78 -6.23
C ARG A 163 0.15 22.33 -5.73
N PRO A 164 0.81 21.38 -6.38
CA PRO A 164 0.20 20.55 -7.47
C PRO A 164 -0.83 19.61 -6.88
N GLN A 165 -1.74 19.20 -7.78
CA GLN A 165 -2.74 18.15 -7.45
C GLN A 165 -2.01 16.77 -7.50
N MET A 166 -1.96 16.04 -6.37
CA MET A 166 -1.15 14.90 -6.31
C MET A 166 -1.97 13.60 -6.19
N GLY A 167 -1.40 12.55 -6.77
CA GLY A 167 -1.94 11.21 -6.46
C GLY A 167 -0.90 10.14 -6.60
N THR A 168 -1.06 9.12 -5.79
CA THR A 168 -0.40 7.85 -6.12
C THR A 168 -1.38 6.97 -6.94
N VAL A 169 -0.75 6.15 -7.76
CA VAL A 169 -1.52 5.44 -8.81
C VAL A 169 -1.17 3.93 -8.75
N ARG A 170 -2.21 3.09 -8.83
CA ARG A 170 -1.99 1.71 -8.51
C ARG A 170 -1.19 1.11 -9.69
N PRO A 171 -0.14 0.34 -9.43
CA PRO A 171 0.60 -0.31 -10.50
C PRO A 171 -0.28 -1.37 -11.22
N LYS A 172 0.19 -1.69 -12.43
CA LYS A 172 -0.48 -2.80 -13.18
C LYS A 172 -1.94 -2.53 -13.57
N THR A 173 -2.28 -1.24 -13.60
CA THR A 173 -3.66 -0.78 -13.90
C THR A 173 -3.76 -0.18 -15.29
N PHE A 174 -2.80 0.66 -15.60
CA PHE A 174 -2.71 1.39 -16.86
C PHE A 174 -1.66 0.86 -17.81
N LYS A 175 -1.94 0.90 -19.14
CA LYS A 175 -0.99 0.42 -20.13
C LYS A 175 0.08 1.44 -20.53
N ALA A 176 1.34 1.03 -20.59
CA ALA A 176 2.36 1.90 -21.21
C ALA A 176 2.17 2.03 -22.71
N MET A 177 2.70 3.08 -23.28
CA MET A 177 2.79 3.18 -24.74
C MET A 177 4.05 2.39 -25.22
N GLU A 178 3.96 1.80 -26.42
CA GLU A 178 5.11 1.19 -27.08
C GLU A 178 6.15 2.33 -27.29
N PRO A 179 7.45 2.06 -27.09
CA PRO A 179 8.49 3.06 -27.31
C PRO A 179 8.44 3.58 -28.74
N ASP A 180 8.52 4.91 -28.84
CA ASP A 180 8.55 5.65 -30.12
C ASP A 180 9.83 6.42 -30.29
N ALA A 181 10.73 5.90 -31.12
CA ALA A 181 12.04 6.47 -31.42
C ALA A 181 12.00 7.87 -32.07
N SER A 182 10.89 8.15 -32.71
CA SER A 182 10.66 9.42 -33.41
C SER A 182 10.20 10.56 -32.47
N ARG A 183 9.77 10.25 -31.25
CA ARG A 183 9.41 11.36 -30.30
C ARG A 183 10.59 12.21 -29.94
N THR A 184 10.33 13.49 -29.68
CA THR A 184 11.34 14.41 -29.21
C THR A 184 10.92 15.02 -27.87
N GLY A 185 11.93 15.45 -27.11
CA GLY A 185 11.71 16.05 -25.80
C GLY A 185 12.91 16.83 -25.32
N GLU A 186 12.75 17.40 -24.16
CA GLU A 186 13.75 18.30 -23.63
C GLU A 186 14.18 17.83 -22.24
N VAL A 187 15.49 17.63 -22.10
CA VAL A 187 16.11 17.36 -20.80
C VAL A 187 16.50 18.66 -20.07
N ILE A 188 16.02 18.81 -18.85
CA ILE A 188 16.31 19.99 -17.99
C ILE A 188 17.07 19.47 -16.77
N ASN A 189 18.31 19.94 -16.61
CA ASN A 189 19.17 19.50 -15.52
C ASN A 189 18.98 20.51 -14.39
N TYR A 190 18.59 20.00 -13.24
CA TYR A 190 18.20 20.78 -12.08
C TYR A 190 19.32 20.59 -11.06
N THR A 191 19.92 21.69 -10.62
CA THR A 191 20.94 21.62 -9.57
C THR A 191 20.31 21.84 -8.18
N LEU A 192 20.57 20.91 -7.27
CA LEU A 192 20.08 21.07 -5.90
C LEU A 192 20.61 22.36 -5.27
N LYS A 193 19.71 23.16 -4.74
CA LYS A 193 20.12 24.35 -3.95
C LYS A 193 20.62 23.94 -2.59
N ASN A 194 19.86 23.12 -1.86
CA ASN A 194 20.23 22.69 -0.47
C ASN A 194 20.27 21.17 -0.31
N HIS A 195 21.48 20.70 -0.04
CA HIS A 195 21.69 19.35 0.36
C HIS A 195 21.19 19.12 1.77
N VAL A 196 20.89 17.86 2.03
CA VAL A 196 20.41 17.42 3.32
C VAL A 196 21.22 16.22 3.77
N ASP A 197 21.12 15.94 5.06
CA ASP A 197 21.61 14.70 5.59
C ASP A 197 20.46 13.79 5.77
N ASP A 198 20.61 12.55 5.32
CA ASP A 198 19.62 11.54 5.52
C ASP A 198 19.68 11.05 6.98
N ARG A 199 18.56 11.18 7.65
CA ARG A 199 18.44 10.82 9.04
C ARG A 199 18.23 9.33 9.24
N VAL A 200 17.93 8.64 8.13
CA VAL A 200 17.60 7.18 8.11
C VAL A 200 18.75 6.43 7.44
N THR A 201 19.45 5.61 8.20
CA THR A 201 20.62 4.87 7.74
C THR A 201 20.17 3.45 7.35
N CYS A 202 20.58 2.94 6.19
CA CYS A 202 20.27 1.56 5.79
C CYS A 202 21.41 0.71 6.24
N ILE A 203 21.11 -0.30 7.05
CA ILE A 203 22.17 -1.18 7.56
C ILE A 203 22.10 -2.58 6.93
N ARG A 204 21.09 -2.86 6.09
CA ARG A 204 20.93 -4.15 5.45
C ARG A 204 20.03 -3.87 4.25
N ARG A 205 20.51 -4.25 3.08
CA ARG A 205 19.81 -4.12 1.79
C ARG A 205 20.11 -5.40 0.94
N GLU A 206 19.16 -6.37 0.98
CA GLU A 206 19.36 -7.68 0.32
C GLU A 206 18.30 -7.89 -0.79
N GLU A 207 18.80 -8.19 -1.97
CA GLU A 207 17.98 -8.55 -3.13
C GLU A 207 17.09 -9.77 -2.78
N VAL A 208 15.78 -9.65 -3.01
CA VAL A 208 14.85 -10.76 -2.64
C VAL A 208 14.80 -11.87 -3.68
N VAL A 209 15.23 -11.57 -4.90
CA VAL A 209 15.23 -12.55 -6.01
C VAL A 209 16.68 -12.88 -6.31
N SER A 210 16.96 -14.18 -6.48
CA SER A 210 18.32 -14.69 -6.67
C SER A 210 18.77 -14.59 -8.11
N GLU A 211 20.00 -15.02 -8.32
CA GLU A 211 20.61 -15.14 -9.64
C GLU A 211 19.66 -15.77 -10.62
N GLY A 212 19.17 -14.93 -11.55
CA GLY A 212 18.36 -15.38 -12.69
C GLY A 212 17.06 -16.12 -12.39
N GLU A 213 16.54 -15.98 -11.17
CA GLU A 213 15.34 -16.71 -10.74
C GLU A 213 14.09 -15.86 -10.93
N MET A 214 12.88 -16.43 -10.74
CA MET A 214 11.70 -15.62 -10.96
C MET A 214 11.05 -15.09 -9.72
N ALA A 215 10.81 -13.79 -9.78
CA ALA A 215 10.04 -13.03 -8.79
C ALA A 215 8.58 -13.05 -9.06
N ILE A 216 7.80 -13.16 -7.97
CA ILE A 216 6.34 -13.20 -8.11
C ILE A 216 5.87 -11.94 -8.76
N ASP A 217 6.59 -10.84 -8.52
CA ASP A 217 6.17 -9.46 -8.92
C ASP A 217 5.83 -9.33 -10.38
N ASP A 218 6.60 -10.05 -11.21
N ASP A 218 6.51 -10.04 -11.26
CA ASP A 218 6.56 -9.95 -12.65
CA ASP A 218 6.21 -9.89 -12.67
C ASP A 218 6.33 -11.30 -13.35
C ASP A 218 5.95 -11.23 -13.38
N ALA A 219 5.90 -12.31 -12.60
CA ALA A 219 5.79 -13.70 -13.15
C ALA A 219 4.49 -13.85 -13.93
N PRO A 220 4.56 -14.54 -15.07
CA PRO A 220 3.29 -14.72 -15.80
C PRO A 220 2.35 -15.74 -15.15
N PHE A 221 2.90 -16.58 -14.30
CA PHE A 221 2.13 -17.52 -13.54
C PHE A 221 2.64 -17.50 -12.13
N VAL A 222 1.71 -17.56 -11.19
CA VAL A 222 2.01 -17.68 -9.78
C VAL A 222 1.38 -18.86 -9.10
N CYS A 223 2.26 -19.66 -8.48
CA CYS A 223 1.85 -20.95 -7.93
C CYS A 223 1.93 -20.77 -6.41
N SER A 224 0.80 -20.61 -5.80
CA SER A 224 0.76 -20.08 -4.42
C SER A 224 0.18 -21.03 -3.42
N GLY A 225 0.81 -21.12 -2.25
CA GLY A 225 0.40 -21.98 -1.21
C GLY A 225 0.05 -21.32 0.08
N GLY A 226 -0.94 -21.83 0.78
CA GLY A 226 -1.40 -21.41 2.08
C GLY A 226 -1.15 -22.41 3.16
N ARG A 227 -1.90 -22.23 4.24
CA ARG A 227 -1.82 -23.14 5.41
C ARG A 227 -2.14 -24.60 4.97
N GLY A 228 -3.00 -24.76 3.97
CA GLY A 228 -3.33 -26.06 3.45
C GLY A 228 -2.28 -26.80 2.71
N MET A 229 -1.12 -26.25 2.46
CA MET A 229 0.03 -27.00 2.04
C MET A 229 0.67 -27.91 3.12
N LYS A 230 0.34 -27.63 4.37
CA LYS A 230 0.62 -28.52 5.51
C LYS A 230 2.03 -28.52 6.03
N ALA A 231 3.00 -28.28 5.18
CA ALA A 231 4.42 -28.32 5.58
C ALA A 231 5.30 -27.65 4.57
N LYS A 232 6.39 -27.08 5.03
CA LYS A 232 7.27 -26.41 4.14
C LYS A 232 7.82 -27.19 3.00
N GLU A 233 8.23 -28.43 3.28
CA GLU A 233 8.78 -29.27 2.23
C GLU A 233 7.79 -29.46 1.04
N ASN A 234 6.50 -29.39 1.30
CA ASN A 234 5.44 -29.63 0.24
C ASN A 234 5.41 -28.48 -0.80
N PHE A 235 6.06 -27.33 -0.44
CA PHE A 235 6.26 -26.27 -1.39
C PHE A 235 7.09 -26.64 -2.58
N SER A 236 7.84 -27.69 -2.48
CA SER A 236 8.61 -28.15 -3.60
C SER A 236 7.61 -28.53 -4.74
N LEU A 237 6.39 -28.95 -4.36
CA LEU A 237 5.34 -29.23 -5.36
C LEU A 237 5.00 -27.99 -6.20
N LEU A 238 4.99 -26.85 -5.53
CA LEU A 238 4.68 -25.61 -6.20
C LEU A 238 5.82 -25.12 -7.04
N TYR A 239 7.06 -25.33 -6.56
CA TYR A 239 8.21 -25.08 -7.39
C TYR A 239 8.20 -25.92 -8.68
N ASP A 240 7.84 -27.19 -8.52
CA ASP A 240 7.76 -28.06 -9.71
C ASP A 240 6.73 -27.51 -10.73
N LEU A 241 5.57 -27.13 -10.24
CA LEU A 241 4.53 -26.58 -11.17
C LEU A 241 5.05 -25.24 -11.78
N ALA A 242 5.69 -24.37 -10.94
CA ALA A 242 6.17 -23.13 -11.47
C ALA A 242 7.19 -23.38 -12.56
N HIS A 243 8.07 -24.36 -12.36
CA HIS A 243 9.11 -24.65 -13.33
C HIS A 243 8.50 -25.17 -14.69
N ALA A 244 7.43 -25.94 -14.60
CA ALA A 244 6.76 -26.47 -15.75
C ALA A 244 6.08 -25.35 -16.56
N LEU A 245 5.63 -24.33 -15.86
CA LEU A 245 4.95 -23.20 -16.49
C LEU A 245 5.85 -22.04 -16.83
N GLY A 246 6.99 -21.92 -16.16
CA GLY A 246 7.81 -20.71 -16.31
C GLY A 246 7.27 -19.60 -15.41
N GLY A 247 6.81 -19.97 -14.21
CA GLY A 247 6.21 -19.04 -13.29
C GLY A 247 7.02 -18.93 -12.02
N ALA A 248 6.37 -18.48 -10.96
CA ALA A 248 7.05 -18.22 -9.67
C ALA A 248 6.14 -18.73 -8.53
N VAL A 249 6.76 -18.93 -7.37
CA VAL A 249 6.03 -19.40 -6.22
C VAL A 249 5.67 -18.31 -5.24
N GLY A 250 4.43 -18.29 -4.79
CA GLY A 250 3.97 -17.37 -3.78
C GLY A 250 3.29 -18.05 -2.61
N GLY A 251 2.84 -17.25 -1.62
CA GLY A 251 2.07 -17.73 -0.54
C GLY A 251 1.20 -16.76 0.20
N SER A 252 0.38 -17.28 1.08
CA SER A 252 -0.47 -16.47 1.97
C SER A 252 0.38 -15.94 3.21
N ARG A 253 -0.15 -14.97 3.94
CA ARG A 253 0.47 -14.50 5.21
C ARG A 253 0.47 -15.66 6.18
N ALA A 254 -0.52 -16.62 6.07
CA ALA A 254 -0.51 -17.78 6.98
C ALA A 254 0.66 -18.67 6.69
N ALA A 255 0.94 -18.85 5.40
CA ALA A 255 2.15 -19.56 4.99
C ALA A 255 3.46 -18.92 5.58
N VAL A 256 3.53 -17.62 5.54
CA VAL A 256 4.69 -16.92 6.18
C VAL A 256 4.77 -17.23 7.67
N ASP A 257 3.67 -17.00 8.35
CA ASP A 257 3.53 -17.34 9.76
C ASP A 257 3.87 -18.79 10.11
N GLU A 258 3.49 -19.78 9.26
CA GLU A 258 3.81 -21.15 9.58
C GLU A 258 5.30 -21.50 9.28
N GLY A 259 6.04 -20.60 8.62
CA GLY A 259 7.43 -20.79 8.21
C GLY A 259 7.61 -21.47 6.87
N PHE A 260 6.52 -21.56 6.12
CA PHE A 260 6.59 -22.23 4.82
C PHE A 260 7.33 -21.42 3.74
N ILE A 261 7.17 -20.10 3.80
CA ILE A 261 7.78 -19.16 2.89
C ILE A 261 8.17 -17.90 3.63
N GLU A 262 9.08 -17.12 3.01
CA GLU A 262 9.53 -15.77 3.47
C GLU A 262 8.65 -14.67 2.97
N HIS A 263 8.65 -13.58 3.66
CA HIS A 263 7.75 -12.48 3.39
C HIS A 263 7.75 -11.99 1.94
N PRO A 264 8.90 -11.97 1.24
CA PRO A 264 8.86 -11.46 -0.14
C PRO A 264 7.99 -12.27 -1.14
N ARG A 265 7.52 -13.45 -0.72
CA ARG A 265 6.63 -14.25 -1.57
C ARG A 265 5.21 -14.10 -1.08
N GLN A 266 4.92 -13.27 -0.09
CA GLN A 266 3.55 -13.09 0.42
C GLN A 266 2.73 -12.25 -0.57
N VAL A 267 1.54 -12.80 -0.88
CA VAL A 267 0.56 -12.09 -1.68
C VAL A 267 -0.58 -11.62 -0.81
N GLY A 268 -1.03 -10.37 -1.05
CA GLY A 268 -2.18 -9.84 -0.35
C GLY A 268 -1.97 -8.32 -0.03
N GLN A 269 -2.93 -7.80 0.66
CA GLN A 269 -2.88 -6.32 0.96
C GLN A 269 -1.61 -5.88 1.72
N SER A 270 -1.02 -6.76 2.53
CA SER A 270 0.21 -6.37 3.35
C SER A 270 1.48 -6.88 2.64
N GLY A 271 1.27 -7.65 1.57
CA GLY A 271 2.35 -8.15 0.73
C GLY A 271 2.28 -7.55 -0.69
N LYS A 272 2.50 -8.41 -1.64
CA LYS A 272 2.45 -8.08 -3.08
C LYS A 272 1.06 -8.27 -3.71
N THR A 273 0.80 -7.40 -4.68
CA THR A 273 -0.37 -7.60 -5.61
C THR A 273 0.19 -7.98 -6.93
N VAL A 274 -0.35 -9.11 -7.41
CA VAL A 274 0.08 -9.78 -8.64
C VAL A 274 -1.11 -9.91 -9.61
N THR A 275 -0.82 -9.76 -10.91
CA THR A 275 -1.81 -9.91 -11.96
C THR A 275 -1.32 -10.87 -13.07
N PRO A 276 -0.97 -12.12 -12.64
CA PRO A 276 -0.42 -13.09 -13.57
C PRO A 276 -1.54 -13.56 -14.54
N LYS A 277 -1.09 -14.27 -15.58
CA LYS A 277 -2.06 -14.92 -16.48
C LYS A 277 -2.83 -16.01 -15.74
N ILE A 278 -2.12 -16.82 -14.94
CA ILE A 278 -2.78 -17.73 -13.99
C ILE A 278 -2.22 -17.59 -12.59
N TYR A 279 -3.13 -17.62 -11.64
CA TYR A 279 -2.81 -17.72 -10.20
C TYR A 279 -3.42 -19.07 -9.76
N PHE A 280 -2.55 -19.98 -9.34
CA PHE A 280 -2.98 -21.24 -8.76
C PHE A 280 -2.94 -21.05 -7.20
N ALA A 281 -4.14 -21.04 -6.61
CA ALA A 281 -4.41 -20.87 -5.20
C ALA A 281 -4.59 -22.25 -4.55
N CYS A 282 -3.55 -22.72 -3.87
CA CYS A 282 -3.46 -24.11 -3.40
C CYS A 282 -3.45 -24.13 -1.86
N GLY A 283 -4.46 -24.56 -1.18
CA GLY A 283 -4.57 -24.61 0.24
C GLY A 283 -4.66 -23.19 0.84
N ILE A 284 -5.39 -22.33 0.09
CA ILE A 284 -5.54 -20.86 0.51
C ILE A 284 -7.07 -20.67 0.57
N SER A 285 -7.61 -20.32 1.71
CA SER A 285 -9.04 -20.14 1.87
C SER A 285 -9.66 -19.05 1.01
N GLY A 286 -8.89 -17.97 0.77
CA GLY A 286 -9.40 -16.79 0.07
C GLY A 286 -10.02 -15.76 0.99
N SER A 287 -9.25 -15.50 2.05
CA SER A 287 -9.53 -14.31 2.95
C SER A 287 -9.59 -13.03 2.08
N VAL A 288 -10.30 -12.00 2.58
CA VAL A 288 -10.37 -10.77 1.75
C VAL A 288 -8.99 -10.11 1.63
N GLN A 289 -8.14 -10.28 2.70
CA GLN A 289 -6.82 -9.71 2.68
C GLN A 289 -5.89 -10.35 1.70
N HIS A 290 -6.11 -11.67 1.45
CA HIS A 290 -5.35 -12.34 0.41
C HIS A 290 -5.85 -11.98 -0.99
N LYS A 291 -7.17 -12.01 -1.11
CA LYS A 291 -7.82 -11.76 -2.44
C LYS A 291 -7.43 -10.35 -2.94
N ALA A 292 -7.24 -9.40 -1.99
CA ALA A 292 -6.80 -8.05 -2.37
C ALA A 292 -5.57 -8.06 -3.27
N GLY A 293 -4.70 -9.03 -3.05
CA GLY A 293 -3.47 -9.16 -3.81
C GLY A 293 -3.44 -9.96 -5.09
N MET A 294 -4.59 -10.59 -5.39
CA MET A 294 -4.53 -11.49 -6.57
C MET A 294 -5.87 -11.61 -7.38
N SER A 295 -6.87 -10.84 -6.98
CA SER A 295 -8.17 -10.95 -7.63
C SER A 295 -8.25 -10.44 -9.05
N LYS A 296 -7.23 -9.72 -9.54
CA LYS A 296 -7.19 -9.24 -10.92
C LYS A 296 -6.28 -10.13 -11.78
N SER A 297 -5.87 -11.29 -11.25
CA SER A 297 -5.22 -12.31 -12.05
C SER A 297 -6.19 -12.65 -13.21
N ASP A 298 -5.61 -12.87 -14.37
CA ASP A 298 -6.47 -13.16 -15.57
C ASP A 298 -7.38 -14.39 -15.35
N THR A 299 -6.77 -15.45 -14.84
CA THR A 299 -7.47 -16.67 -14.49
C THR A 299 -7.02 -17.14 -13.13
N ILE A 300 -7.94 -17.62 -12.28
CA ILE A 300 -7.62 -18.17 -10.93
C ILE A 300 -8.09 -19.63 -10.94
N VAL A 301 -7.17 -20.51 -10.56
CA VAL A 301 -7.39 -21.95 -10.48
C VAL A 301 -7.22 -22.27 -8.98
N CYS A 302 -8.26 -22.75 -8.33
CA CYS A 302 -8.29 -23.04 -6.94
C CYS A 302 -8.26 -24.57 -6.69
N ILE A 303 -7.33 -24.99 -5.84
CA ILE A 303 -7.16 -26.35 -5.39
C ILE A 303 -7.25 -26.41 -3.86
N ASN A 304 -8.34 -26.88 -3.33
CA ASN A 304 -8.71 -26.76 -1.95
C ASN A 304 -9.56 -27.86 -1.48
N LYS A 305 -9.35 -28.44 -0.31
CA LYS A 305 -10.14 -29.51 0.22
C LYS A 305 -11.60 -29.15 0.54
N ASP A 306 -11.88 -27.84 0.73
CA ASP A 306 -13.17 -27.39 1.19
C ASP A 306 -13.93 -26.76 0.06
N PRO A 307 -15.01 -27.42 -0.41
CA PRO A 307 -15.76 -26.87 -1.51
C PRO A 307 -16.36 -25.51 -1.22
N ASP A 308 -16.53 -25.13 0.08
CA ASP A 308 -17.01 -23.78 0.47
C ASP A 308 -15.93 -22.71 0.71
N ALA A 309 -14.69 -23.01 0.37
CA ALA A 309 -13.61 -22.05 0.47
C ALA A 309 -13.99 -20.81 -0.34
N PRO A 310 -13.96 -19.63 0.31
CA PRO A 310 -14.28 -18.38 -0.44
C PRO A 310 -13.55 -18.18 -1.73
N MET A 311 -12.33 -18.72 -1.86
CA MET A 311 -11.54 -18.55 -3.05
C MET A 311 -12.28 -19.13 -4.27
N PHE A 312 -13.08 -20.18 -4.06
CA PHE A 312 -13.83 -20.74 -5.24
C PHE A 312 -14.72 -19.70 -5.88
N GLU A 313 -15.14 -18.72 -5.07
N GLU A 313 -15.22 -18.72 -5.15
CA GLU A 313 -16.08 -17.64 -5.48
CA GLU A 313 -16.21 -17.81 -5.74
C GLU A 313 -15.63 -16.88 -6.71
C GLU A 313 -15.62 -17.05 -6.91
N ILE A 314 -14.32 -16.77 -6.82
CA ILE A 314 -13.67 -16.01 -7.88
C ILE A 314 -12.79 -16.78 -8.84
N SER A 315 -12.92 -18.12 -8.73
CA SER A 315 -12.08 -19.04 -9.51
C SER A 315 -12.86 -19.59 -10.70
N LYS A 316 -12.34 -19.31 -11.89
CA LYS A 316 -12.93 -19.81 -13.14
C LYS A 316 -12.82 -21.34 -13.19
N TYR A 317 -11.78 -21.88 -12.60
CA TYR A 317 -11.51 -23.34 -12.61
C TYR A 317 -11.02 -23.79 -11.25
N GLY A 318 -11.24 -25.02 -10.94
CA GLY A 318 -10.70 -25.54 -9.69
C GLY A 318 -10.96 -27.03 -9.47
N ILE A 319 -10.34 -27.55 -8.40
CA ILE A 319 -10.51 -28.94 -7.99
C ILE A 319 -10.71 -28.92 -6.49
N VAL A 320 -11.80 -29.53 -6.03
CA VAL A 320 -12.00 -29.95 -4.67
C VAL A 320 -11.25 -31.19 -4.31
N GLY A 321 -10.21 -31.11 -3.52
CA GLY A 321 -9.37 -32.29 -3.17
C GLY A 321 -8.05 -31.83 -2.45
N ASP A 322 -7.17 -32.78 -2.26
CA ASP A 322 -5.95 -32.67 -1.53
C ASP A 322 -4.86 -32.19 -2.46
N ALA A 323 -4.39 -30.93 -2.20
CA ALA A 323 -3.34 -30.38 -3.04
C ALA A 323 -2.07 -31.24 -3.10
N LEU A 324 -1.82 -32.01 -2.04
CA LEU A 324 -0.63 -32.81 -1.99
C LEU A 324 -0.71 -34.03 -2.99
N LYS A 325 -1.94 -34.49 -3.35
CA LYS A 325 -2.15 -35.56 -4.37
C LYS A 325 -2.32 -34.90 -5.75
N ILE A 326 -2.98 -33.72 -5.77
CA ILE A 326 -3.39 -33.13 -7.06
C ILE A 326 -2.22 -32.46 -7.77
N LEU A 327 -1.38 -31.70 -7.01
CA LEU A 327 -0.27 -31.02 -7.64
C LEU A 327 0.71 -31.83 -8.46
N PRO A 328 1.18 -32.98 -7.89
CA PRO A 328 2.16 -33.64 -8.71
C PRO A 328 1.52 -34.24 -10.03
N LEU A 329 0.23 -34.63 -9.99
CA LEU A 329 -0.53 -35.14 -11.19
C LEU A 329 -0.73 -33.99 -12.20
N LEU A 330 -1.03 -32.80 -11.65
CA LEU A 330 -1.25 -31.62 -12.48
C LEU A 330 0.03 -31.23 -13.19
N THR A 331 1.12 -31.14 -12.43
CA THR A 331 2.42 -30.77 -12.96
C THR A 331 2.88 -31.75 -14.01
N ALA A 332 2.72 -33.03 -13.73
CA ALA A 332 3.08 -34.03 -14.76
C ALA A 332 2.30 -33.90 -16.05
N LYS A 333 1.01 -33.68 -15.90
CA LYS A 333 0.10 -33.59 -17.05
C LYS A 333 0.43 -32.36 -17.91
N ILE A 334 0.73 -31.20 -17.24
CA ILE A 334 1.12 -30.01 -17.94
C ILE A 334 2.47 -30.17 -18.68
N LYS A 335 3.47 -30.69 -17.98
CA LYS A 335 4.76 -31.06 -18.56
C LYS A 335 4.62 -31.93 -19.84
N ALA A 336 3.77 -32.96 -19.80
CA ALA A 336 3.50 -33.90 -20.93
C ALA A 336 2.92 -33.15 -22.15
N PHE A 337 1.97 -32.25 -21.78
CA PHE A 337 1.34 -31.46 -22.84
C PHE A 337 2.40 -30.56 -23.50
N LYS A 338 3.15 -29.82 -22.69
CA LYS A 338 4.20 -28.97 -23.24
C LYS A 338 5.30 -29.67 -24.05
N GLU A 339 5.58 -30.95 -23.76
CA GLU A 339 6.48 -31.78 -24.60
C GLU A 339 5.75 -32.52 -25.80
N SER A 340 6.44 -32.92 -26.87
CA SER A 340 7.87 -32.72 -27.12
C SER A 340 8.04 -31.38 -27.83
N MET B 1 11.50 5.97 28.12
CA MET B 1 11.10 6.51 26.79
C MET B 1 9.59 6.70 26.74
N ASN B 2 9.19 7.68 25.98
CA ASN B 2 7.80 8.04 25.81
C ASN B 2 7.43 7.66 24.35
N ILE B 3 6.25 7.06 24.27
CA ILE B 3 5.70 6.59 22.96
C ILE B 3 4.27 7.13 22.87
N VAL B 4 3.94 7.62 21.67
CA VAL B 4 2.57 7.96 21.28
C VAL B 4 2.15 6.99 20.14
N VAL B 5 0.97 6.38 20.33
CA VAL B 5 0.39 5.51 19.25
C VAL B 5 -0.85 6.29 18.78
N CYS B 6 -0.86 6.56 17.47
CA CYS B 6 -2.03 7.15 16.78
C CYS B 6 -2.99 6.03 16.41
N VAL B 7 -4.17 6.06 17.00
CA VAL B 7 -5.13 4.92 16.71
C VAL B 7 -6.41 5.53 16.17
N LYS B 8 -7.05 4.73 15.31
CA LYS B 8 -8.32 5.13 14.59
C LYS B 8 -9.38 4.00 14.73
N GLN B 9 -10.59 4.37 15.09
CA GLN B 9 -11.75 3.57 15.07
C GLN B 9 -12.27 3.65 13.62
N VAL B 10 -12.57 2.41 13.10
CA VAL B 10 -13.03 2.18 11.69
C VAL B 10 -14.16 1.17 11.66
N PRO B 11 -15.06 1.36 10.67
CA PRO B 11 -15.83 0.13 10.39
C PRO B 11 -14.92 -1.03 9.94
N ASP B 12 -15.35 -2.25 10.27
CA ASP B 12 -14.63 -3.44 9.85
C ASP B 12 -14.96 -3.74 8.38
N THR B 13 -14.20 -3.14 7.52
CA THR B 13 -14.41 -3.22 6.07
C THR B 13 -14.06 -4.59 5.57
N ALA B 14 -13.31 -5.40 6.36
CA ALA B 14 -13.09 -6.81 5.96
C ALA B 14 -14.38 -7.63 6.00
N GLU B 15 -15.38 -7.12 6.74
CA GLU B 15 -16.68 -7.75 6.78
C GLU B 15 -17.67 -7.31 5.68
N MET B 16 -17.28 -6.32 4.90
CA MET B 16 -18.11 -5.84 3.80
C MET B 16 -17.99 -6.86 2.64
N LYS B 17 -19.09 -7.07 1.95
CA LYS B 17 -19.14 -7.99 0.76
C LYS B 17 -20.06 -7.40 -0.31
N ILE B 18 -19.55 -7.23 -1.52
CA ILE B 18 -20.42 -6.86 -2.65
C ILE B 18 -20.95 -8.17 -3.23
N ASP B 19 -22.27 -8.33 -3.25
CA ASP B 19 -22.83 -9.53 -3.81
C ASP B 19 -22.71 -9.44 -5.36
N PRO B 20 -21.98 -10.38 -6.05
CA PRO B 20 -21.78 -10.24 -7.51
C PRO B 20 -23.08 -10.46 -8.28
N VAL B 21 -24.07 -11.10 -7.68
CA VAL B 21 -25.39 -11.17 -8.33
C VAL B 21 -26.14 -9.83 -8.45
N THR B 22 -26.32 -9.15 -7.32
CA THR B 22 -27.04 -7.86 -7.22
C THR B 22 -26.16 -6.61 -7.39
N ASN B 23 -24.84 -6.76 -7.33
CA ASN B 23 -23.92 -5.59 -7.26
C ASN B 23 -24.21 -4.72 -6.03
N ASN B 24 -24.95 -5.25 -5.05
CA ASN B 24 -25.14 -4.48 -3.80
C ASN B 24 -24.12 -4.79 -2.71
N LEU B 25 -23.83 -3.76 -1.92
CA LEU B 25 -22.87 -3.84 -0.79
C LEU B 25 -23.63 -4.49 0.38
N VAL B 26 -23.12 -5.62 0.90
CA VAL B 26 -23.70 -6.24 2.11
C VAL B 26 -22.77 -5.98 3.32
N ARG B 27 -23.39 -5.57 4.44
CA ARG B 27 -22.64 -5.09 5.60
C ARG B 27 -22.83 -6.01 6.81
N ASP B 28 -23.18 -7.27 6.53
CA ASP B 28 -23.30 -8.31 7.58
C ASP B 28 -22.02 -8.45 8.37
N GLY B 29 -22.13 -8.20 9.69
CA GLY B 29 -21.01 -8.32 10.63
C GLY B 29 -20.07 -7.11 10.68
N VAL B 30 -20.50 -5.99 10.04
CA VAL B 30 -19.66 -4.79 10.04
C VAL B 30 -20.01 -3.97 11.29
N THR B 31 -19.03 -3.85 12.18
CA THR B 31 -19.14 -3.06 13.41
C THR B 31 -17.95 -2.11 13.45
N ASN B 32 -17.97 -1.09 14.35
CA ASN B 32 -16.76 -0.32 14.53
C ASN B 32 -15.75 -1.10 15.34
N ILE B 33 -14.52 -1.11 14.86
CA ILE B 33 -13.35 -1.75 15.51
C ILE B 33 -12.16 -0.79 15.65
N MET B 34 -11.17 -1.25 16.38
CA MET B 34 -9.88 -0.66 16.30
C MET B 34 -9.20 -1.03 15.03
N ASN B 35 -8.80 -0.09 14.19
CA ASN B 35 -8.07 -0.35 12.97
C ASN B 35 -7.03 -1.42 13.15
N PRO B 36 -7.06 -2.51 12.33
CA PRO B 36 -6.15 -3.59 12.64
C PRO B 36 -4.66 -3.21 12.58
N TYR B 37 -4.24 -2.37 11.66
CA TYR B 37 -2.83 -1.99 11.59
C TYR B 37 -2.43 -1.16 12.90
N ASP B 38 -3.43 -0.54 13.52
CA ASP B 38 -3.25 0.22 14.78
C ASP B 38 -3.15 -0.74 15.92
N GLN B 39 -3.86 -1.86 15.88
CA GLN B 39 -3.62 -2.91 16.84
C GLN B 39 -2.15 -3.44 16.78
N TYR B 40 -1.59 -3.56 15.59
CA TYR B 40 -0.17 -3.93 15.40
C TYR B 40 0.72 -2.81 16.00
N ALA B 41 0.41 -1.56 15.65
CA ALA B 41 1.25 -0.43 16.20
C ALA B 41 1.20 -0.44 17.70
N LEU B 42 0.03 -0.63 18.29
CA LEU B 42 -0.11 -0.63 19.75
C LEU B 42 0.63 -1.80 20.39
N GLU B 43 0.47 -3.01 19.80
CA GLU B 43 1.12 -4.19 20.32
C GLU B 43 2.67 -3.97 20.30
N THR B 44 3.16 -3.33 19.26
CA THR B 44 4.59 -2.98 19.17
C THR B 44 5.02 -2.03 20.30
N ALA B 45 4.24 -1.00 20.58
CA ALA B 45 4.49 -0.11 21.70
C ALA B 45 4.47 -0.87 23.02
N LEU B 46 3.51 -1.81 23.17
CA LEU B 46 3.39 -2.59 24.38
C LEU B 46 4.56 -3.51 24.61
N GLN B 47 5.08 -4.04 23.49
CA GLN B 47 6.24 -4.92 23.56
C GLN B 47 7.49 -4.14 24.08
N LEU B 48 7.66 -2.93 23.56
CA LEU B 48 8.68 -1.99 24.02
C LEU B 48 8.47 -1.54 25.51
N LYS B 49 7.21 -1.37 25.90
CA LYS B 49 6.92 -1.13 27.30
C LYS B 49 7.40 -2.33 28.17
N ASP B 50 6.98 -3.55 27.77
CA ASP B 50 7.43 -4.80 28.48
C ASP B 50 8.97 -4.89 28.61
N GLU B 51 9.65 -4.60 27.51
CA GLU B 51 11.07 -4.79 27.40
C GLU B 51 11.88 -3.69 28.14
N LEU B 52 11.47 -2.43 27.93
CA LEU B 52 12.35 -1.30 28.33
C LEU B 52 11.68 -0.38 29.32
N GLY B 53 10.38 -0.54 29.64
CA GLY B 53 9.70 0.41 30.58
C GLY B 53 9.09 1.70 30.01
N ALA B 54 8.96 1.73 28.75
CA ALA B 54 8.27 2.87 28.04
C ALA B 54 6.87 3.28 28.54
N HIS B 55 6.60 4.59 28.48
CA HIS B 55 5.28 5.16 28.74
C HIS B 55 4.52 5.32 27.46
N VAL B 56 3.32 4.78 27.47
CA VAL B 56 2.53 4.66 26.18
C VAL B 56 1.23 5.47 26.27
N THR B 57 1.08 6.45 25.34
CA THR B 57 -0.08 7.28 25.24
C THR B 57 -0.72 6.96 23.86
N VAL B 58 -2.02 6.77 23.90
CA VAL B 58 -2.77 6.58 22.65
C VAL B 58 -3.69 7.81 22.42
N ILE B 59 -3.69 8.28 21.19
CA ILE B 59 -4.46 9.45 20.84
C ILE B 59 -5.29 9.11 19.57
N THR B 60 -6.56 9.50 19.62
CA THR B 60 -7.38 9.47 18.39
C THR B 60 -8.15 10.72 18.13
N MET B 61 -8.32 11.04 16.83
CA MET B 61 -9.18 12.13 16.33
C MET B 61 -10.46 11.48 15.81
N GLY B 62 -11.52 11.55 16.60
CA GLY B 62 -12.80 10.92 16.26
C GLY B 62 -13.97 11.48 17.04
N PRO B 63 -15.17 11.12 16.60
CA PRO B 63 -16.39 11.48 17.24
C PRO B 63 -16.42 10.88 18.65
N PRO B 64 -17.42 11.24 19.47
CA PRO B 64 -17.49 10.72 20.83
C PRO B 64 -17.42 9.23 20.99
N HIS B 65 -18.08 8.52 20.07
CA HIS B 65 -18.15 7.07 20.21
C HIS B 65 -16.81 6.35 19.93
N ALA B 66 -15.83 7.10 19.44
CA ALA B 66 -14.49 6.58 19.23
C ALA B 66 -13.76 6.33 20.56
N GLU B 67 -14.35 6.83 21.67
CA GLU B 67 -13.82 6.66 23.02
C GLU B 67 -13.59 5.20 23.33
N SER B 68 -14.47 4.32 22.79
CA SER B 68 -14.39 2.87 23.09
C SER B 68 -13.04 2.29 22.63
N VAL B 69 -12.51 2.77 21.50
CA VAL B 69 -11.24 2.31 21.03
C VAL B 69 -10.11 2.63 22.04
N LEU B 70 -10.17 3.87 22.59
CA LEU B 70 -9.19 4.31 23.59
C LEU B 70 -9.28 3.47 24.82
N ARG B 71 -10.50 3.16 25.27
CA ARG B 71 -10.70 2.23 26.39
C ARG B 71 -10.06 0.87 26.12
N ASP B 72 -10.25 0.33 24.91
CA ASP B 72 -9.63 -0.95 24.55
C ASP B 72 -8.09 -0.90 24.67
N CYS B 73 -7.54 0.24 24.27
CA CYS B 73 -6.08 0.49 24.38
C CYS B 73 -5.62 0.46 25.85
N LEU B 74 -6.34 1.21 26.72
CA LEU B 74 -6.00 1.21 28.14
C LEU B 74 -6.13 -0.22 28.70
N ALA B 75 -7.14 -0.97 28.18
CA ALA B 75 -7.47 -2.31 28.75
C ALA B 75 -6.34 -3.33 28.56
N VAL B 76 -5.54 -3.13 27.52
CA VAL B 76 -4.36 -3.97 27.24
C VAL B 76 -3.03 -3.38 27.78
N GLY B 77 -3.09 -2.22 28.43
CA GLY B 77 -1.90 -1.71 29.15
C GLY B 77 -1.31 -0.39 28.66
N ALA B 78 -1.95 0.27 27.71
CA ALA B 78 -1.53 1.65 27.40
C ALA B 78 -1.69 2.43 28.73
N ASP B 79 -0.78 3.40 28.95
CA ASP B 79 -0.75 4.23 30.19
C ASP B 79 -1.80 5.32 30.23
N GLU B 80 -1.94 6.01 29.10
N GLU B 80 -1.93 6.06 29.14
CA GLU B 80 -2.80 7.18 28.97
CA GLU B 80 -2.91 7.15 29.05
C GLU B 80 -3.50 7.19 27.60
C GLU B 80 -3.49 7.22 27.63
N ALA B 81 -4.68 7.82 27.56
CA ALA B 81 -5.46 8.00 26.36
C ALA B 81 -5.98 9.44 26.29
N LYS B 82 -6.07 9.96 25.09
CA LYS B 82 -6.55 11.28 24.78
C LYS B 82 -7.46 11.18 23.59
N LEU B 83 -8.63 11.75 23.78
CA LEU B 83 -9.65 11.86 22.72
C LEU B 83 -9.73 13.27 22.15
N VAL B 84 -9.43 13.41 20.85
CA VAL B 84 -9.47 14.70 20.18
C VAL B 84 -10.81 14.67 19.38
N SER B 85 -11.79 15.42 19.87
CA SER B 85 -13.15 15.32 19.46
C SER B 85 -13.82 16.69 19.44
N ASP B 86 -14.32 17.04 18.24
CA ASP B 86 -14.91 18.32 17.94
C ASP B 86 -15.39 18.22 16.48
N ARG B 87 -16.61 18.70 16.23
CA ARG B 87 -17.07 18.71 14.83
C ARG B 87 -16.16 19.51 13.91
N ALA B 88 -15.42 20.50 14.46
CA ALA B 88 -14.45 21.18 13.63
C ALA B 88 -13.35 20.36 12.97
N PHE B 89 -13.08 19.18 13.53
CA PHE B 89 -12.14 18.25 12.91
C PHE B 89 -12.85 17.31 11.85
N GLY B 90 -14.18 17.23 11.89
CA GLY B 90 -14.90 16.34 10.94
C GLY B 90 -14.69 16.77 9.49
N GLY B 91 -14.83 15.80 8.60
CA GLY B 91 -14.70 16.11 7.15
C GLY B 91 -13.28 16.20 6.68
N ALA B 92 -12.34 15.85 7.59
CA ALA B 92 -10.93 16.01 7.31
C ALA B 92 -10.37 15.00 6.29
N ASP B 93 -9.61 15.46 5.30
CA ASP B 93 -8.73 14.66 4.54
C ASP B 93 -7.45 14.31 5.26
N THR B 94 -6.50 13.69 4.62
CA THR B 94 -5.33 13.22 5.37
C THR B 94 -4.45 14.38 5.78
N LEU B 95 -4.40 15.43 5.05
CA LEU B 95 -3.64 16.67 5.42
C LEU B 95 -4.29 17.22 6.64
N ALA B 96 -5.58 17.41 6.66
CA ALA B 96 -6.25 17.97 7.85
C ALA B 96 -6.18 17.05 9.08
N THR B 97 -6.22 15.75 8.88
CA THR B 97 -6.13 14.81 9.96
C THR B 97 -4.72 14.82 10.52
N SER B 98 -3.74 14.76 9.67
CA SER B 98 -2.35 14.84 10.14
C SER B 98 -2.05 16.19 10.81
N ALA B 99 -2.61 17.29 10.30
CA ALA B 99 -2.38 18.56 10.95
C ALA B 99 -2.96 18.47 12.32
N ALA B 100 -4.13 18.00 12.56
CA ALA B 100 -4.71 17.96 13.87
C ALA B 100 -3.88 17.09 14.80
N MET B 101 -3.48 15.93 14.33
CA MET B 101 -2.75 14.96 15.16
C MET B 101 -1.38 15.57 15.51
N ALA B 102 -0.71 16.13 14.54
CA ALA B 102 0.68 16.71 14.72
C ALA B 102 0.59 17.85 15.74
N ASN B 103 -0.42 18.67 15.62
CA ASN B 103 -0.53 19.81 16.56
C ASN B 103 -0.88 19.34 18.01
N THR B 104 -1.69 18.28 18.09
CA THR B 104 -2.05 17.68 19.37
C THR B 104 -0.77 17.10 20.04
N ILE B 105 -0.01 16.31 19.28
CA ILE B 105 1.19 15.67 19.77
C ILE B 105 2.15 16.78 20.29
N LYS B 106 2.36 17.81 19.46
CA LYS B 106 3.30 18.95 19.84
C LYS B 106 2.84 19.56 21.12
N HIS B 107 1.54 19.77 21.28
CA HIS B 107 1.00 20.48 22.45
C HIS B 107 1.43 19.82 23.73
N PHE B 108 1.42 18.47 23.75
CA PHE B 108 1.78 17.73 24.95
C PHE B 108 3.21 17.34 25.07
N GLY B 109 3.95 17.66 24.03
CA GLY B 109 5.38 17.45 23.95
C GLY B 109 5.73 16.26 23.12
N VAL B 110 6.59 16.46 22.14
CA VAL B 110 6.86 15.41 21.15
C VAL B 110 7.58 14.24 21.87
N PRO B 111 7.03 13.00 21.73
CA PRO B 111 7.64 11.85 22.44
C PRO B 111 8.89 11.36 21.69
N ASP B 112 9.51 10.30 22.18
CA ASP B 112 10.69 9.70 21.58
C ASP B 112 10.27 8.87 20.33
N LEU B 113 9.07 8.28 20.37
CA LEU B 113 8.61 7.45 19.22
C LEU B 113 7.12 7.63 19.06
N ILE B 114 6.74 7.91 17.81
CA ILE B 114 5.35 7.95 17.42
C ILE B 114 5.15 6.76 16.45
N LEU B 115 4.18 5.89 16.79
CA LEU B 115 3.81 4.66 16.03
C LEU B 115 2.40 4.97 15.49
N CYS B 116 2.26 4.58 14.20
CA CYS B 116 0.99 4.61 13.43
C CYS B 116 0.84 3.24 12.78
N GLY B 117 -0.42 2.99 12.49
CA GLY B 117 -0.62 1.85 11.54
C GLY B 117 -0.08 2.21 10.19
N ARG B 118 0.14 1.18 9.36
CA ARG B 118 0.56 1.41 7.95
C ARG B 118 -0.53 2.18 7.17
N GLN B 119 -1.75 1.71 7.38
CA GLN B 119 -2.95 2.32 6.81
C GLN B 119 -4.14 2.06 7.69
N ALA B 120 -5.19 2.83 7.51
CA ALA B 120 -6.49 2.61 8.06
C ALA B 120 -7.34 1.83 6.95
N ILE B 121 -8.10 0.79 7.34
CA ILE B 121 -8.79 -0.05 6.35
C ILE B 121 -10.03 0.56 5.84
N ASP B 122 -10.43 1.75 6.27
CA ASP B 122 -11.49 2.46 5.60
C ASP B 122 -10.98 3.39 4.52
N GLY B 123 -10.22 4.44 4.92
CA GLY B 123 -9.67 5.23 3.90
C GLY B 123 -8.65 4.60 2.96
N ASP B 124 -7.85 3.69 3.55
CA ASP B 124 -6.83 2.99 2.81
C ASP B 124 -5.85 3.76 2.09
N THR B 125 -5.56 5.01 2.67
CA THR B 125 -4.59 5.91 2.02
C THR B 125 -3.09 5.77 2.40
N ALA B 126 -2.91 5.24 3.60
CA ALA B 126 -1.52 5.13 4.09
C ALA B 126 -0.76 6.51 4.09
N GLN B 127 -1.50 7.57 4.31
CA GLN B 127 -0.92 8.93 4.22
C GLN B 127 -0.70 9.60 5.61
N VAL B 128 -1.51 9.32 6.58
CA VAL B 128 -1.52 10.08 7.86
C VAL B 128 -0.20 9.94 8.51
N GLY B 129 0.45 8.81 8.67
CA GLY B 129 1.70 8.75 9.45
C GLY B 129 2.81 9.53 8.84
N PRO B 130 3.08 9.39 7.53
CA PRO B 130 4.13 10.22 6.94
C PRO B 130 3.79 11.68 6.96
N GLU B 131 2.54 12.04 6.78
CA GLU B 131 2.19 13.46 6.86
C GLU B 131 2.44 14.09 8.31
N ILE B 132 2.09 13.34 9.34
CA ILE B 132 2.38 13.68 10.74
C ILE B 132 3.89 13.88 10.79
N ALA B 133 4.73 12.97 10.38
CA ALA B 133 6.15 13.01 10.49
C ALA B 133 6.63 14.29 9.83
N GLU B 134 6.10 14.66 8.68
CA GLU B 134 6.54 15.84 7.93
C GLU B 134 6.14 17.09 8.76
N HIS B 135 4.95 17.09 9.29
CA HIS B 135 4.40 18.22 10.05
C HIS B 135 5.27 18.48 11.30
N LEU B 136 5.76 17.40 11.86
CA LEU B 136 6.63 17.51 13.04
C LEU B 136 8.14 17.57 12.76
N GLY B 137 8.56 17.60 11.53
CA GLY B 137 9.91 17.52 11.12
C GLY B 137 10.73 16.35 11.60
N LEU B 138 10.11 15.16 11.60
CA LEU B 138 10.79 14.02 12.10
C LEU B 138 11.06 13.01 10.97
N PRO B 139 12.11 12.23 11.12
CA PRO B 139 12.32 11.12 10.16
C PRO B 139 11.31 10.01 10.36
N GLN B 140 11.13 9.28 9.25
CA GLN B 140 10.15 8.19 9.22
C GLN B 140 10.77 6.90 8.64
N VAL B 141 10.13 5.78 9.07
CA VAL B 141 10.19 4.52 8.31
C VAL B 141 8.70 3.99 8.27
N THR B 142 8.18 3.81 7.03
CA THR B 142 6.85 3.23 6.81
C THR B 142 6.86 1.71 6.70
N ALA B 143 5.71 1.12 7.02
CA ALA B 143 5.42 -0.32 6.68
C ALA B 143 6.44 -1.28 7.36
N ALA B 144 6.62 -1.00 8.66
CA ALA B 144 7.55 -1.77 9.49
C ALA B 144 7.05 -3.22 9.51
N LEU B 145 8.02 -4.12 9.36
CA LEU B 145 7.81 -5.52 9.71
C LEU B 145 8.29 -6.01 11.07
N LYS B 146 9.20 -5.23 11.63
CA LYS B 146 9.70 -5.47 12.96
C LYS B 146 10.26 -4.10 13.41
N VAL B 147 10.15 -3.86 14.73
CA VAL B 147 10.69 -2.63 15.33
C VAL B 147 11.41 -2.98 16.62
N GLN B 148 12.59 -2.44 16.78
CA GLN B 148 13.36 -2.68 17.98
C GLN B 148 13.97 -1.30 18.35
N VAL B 149 14.37 -1.19 19.60
CA VAL B 149 15.08 0.00 20.12
C VAL B 149 16.39 -0.48 20.70
N LYS B 150 17.44 0.27 20.35
CA LYS B 150 18.76 0.03 20.81
C LYS B 150 19.38 1.39 21.14
N ASP B 151 19.50 1.62 22.45
CA ASP B 151 19.92 2.90 22.99
C ASP B 151 19.00 4.05 22.59
N ASP B 152 19.57 4.98 21.83
CA ASP B 152 18.82 6.10 21.41
C ASP B 152 18.37 5.91 19.96
N THR B 153 18.44 4.68 19.44
CA THR B 153 18.01 4.42 18.04
C THR B 153 16.89 3.38 17.89
N VAL B 154 16.06 3.59 16.86
CA VAL B 154 15.00 2.68 16.44
C VAL B 154 15.51 1.98 15.21
N VAL B 155 15.34 0.63 15.21
CA VAL B 155 15.80 -0.29 14.17
C VAL B 155 14.56 -0.92 13.59
N VAL B 156 14.39 -0.72 12.29
CA VAL B 156 13.12 -1.06 11.61
C VAL B 156 13.38 -1.93 10.37
N ASP B 157 12.69 -3.07 10.28
CA ASP B 157 12.74 -3.88 9.07
C ASP B 157 11.64 -3.43 8.14
N ARG B 158 11.99 -3.20 6.89
CA ARG B 158 11.04 -2.79 5.84
C ARG B 158 11.52 -3.33 4.53
N ASP B 159 10.55 -3.76 3.74
CA ASP B 159 10.82 -4.25 2.39
C ASP B 159 10.29 -3.25 1.34
N ASN B 160 10.89 -3.34 0.15
CA ASN B 160 10.14 -2.91 -1.02
C ASN B 160 10.01 -4.09 -2.00
N GLU B 161 9.56 -3.87 -3.25
CA GLU B 161 9.33 -4.97 -4.19
C GLU B 161 10.58 -5.77 -4.56
N GLN B 162 11.75 -5.14 -4.55
CA GLN B 162 13.02 -5.75 -4.87
C GLN B 162 13.95 -6.16 -3.74
N MET B 163 13.85 -5.45 -2.63
N MET B 163 13.81 -5.50 -2.61
CA MET B 163 14.84 -5.45 -1.56
CA MET B 163 14.81 -5.54 -1.58
C MET B 163 14.23 -5.70 -0.18
C MET B 163 14.22 -5.73 -0.18
N SER B 164 14.95 -6.44 0.67
CA SER B 164 14.58 -6.65 2.06
C SER B 164 15.61 -5.85 2.85
N MET B 165 15.10 -4.93 3.68
CA MET B 165 15.97 -3.91 4.30
C MET B 165 15.78 -3.76 5.80
N THR B 166 16.80 -3.20 6.41
CA THR B 166 16.74 -2.77 7.80
C THR B 166 17.35 -1.36 7.85
N PHE B 167 16.64 -0.48 8.55
CA PHE B 167 17.05 0.97 8.74
C PHE B 167 17.14 1.32 10.21
N THR B 168 17.99 2.30 10.51
CA THR B 168 18.03 2.87 11.83
C THR B 168 17.86 4.40 11.79
N MET B 169 17.25 4.91 12.82
CA MET B 169 17.19 6.36 13.03
C MET B 169 17.17 6.67 14.53
N LYS B 170 17.62 7.89 14.77
CA LYS B 170 17.62 8.48 16.08
C LYS B 170 16.23 8.96 16.47
N MET B 171 15.90 8.77 17.75
CA MET B 171 14.71 9.39 18.33
C MET B 171 14.90 10.87 18.43
N PRO B 172 13.81 11.66 18.29
CA PRO B 172 12.45 11.34 18.02
C PRO B 172 12.19 11.03 16.54
N CYS B 173 11.35 10.01 16.32
CA CYS B 173 11.07 9.52 14.98
C CYS B 173 9.64 8.94 14.95
N VAL B 174 9.23 8.68 13.70
CA VAL B 174 7.89 8.16 13.40
C VAL B 174 8.07 6.81 12.65
N VAL B 175 7.39 5.81 13.16
CA VAL B 175 7.30 4.51 12.44
C VAL B 175 5.81 4.09 12.19
N THR B 176 5.52 3.69 10.93
CA THR B 176 4.22 3.11 10.63
C THR B 176 4.45 1.57 10.43
N VAL B 177 3.44 0.88 10.96
CA VAL B 177 3.57 -0.55 11.21
C VAL B 177 2.63 -1.41 10.25
N MET B 178 3.30 -2.27 9.50
CA MET B 178 2.62 -3.24 8.58
C MET B 178 2.24 -4.55 9.32
N ARG B 179 3.06 -4.98 10.27
CA ARG B 179 2.85 -6.23 10.99
C ARG B 179 3.52 -6.24 12.39
N SER B 180 2.85 -6.91 13.30
CA SER B 180 3.42 -7.35 14.55
C SER B 180 2.59 -8.59 14.92
N LYS B 181 2.87 -9.26 16.04
CA LYS B 181 1.99 -10.30 16.52
C LYS B 181 0.64 -9.64 16.85
N ASP B 182 -0.43 -10.45 16.87
CA ASP B 182 -1.75 -9.97 17.14
C ASP B 182 -1.75 -9.26 18.52
N LEU B 183 -2.52 -8.18 18.65
CA LEU B 183 -2.61 -7.44 19.91
C LEU B 183 -3.06 -8.44 21.01
N ARG B 184 -2.36 -8.36 22.12
CA ARG B 184 -2.68 -9.10 23.32
C ARG B 184 -4.07 -8.94 23.84
N PHE B 185 -4.48 -9.94 24.64
CA PHE B 185 -5.79 -10.05 25.20
C PHE B 185 -6.01 -9.07 26.33
N ALA B 186 -7.21 -8.50 26.40
CA ALA B 186 -7.64 -7.70 27.54
C ALA B 186 -8.48 -8.52 28.50
N SER B 187 -7.97 -8.71 29.70
CA SER B 187 -8.68 -9.42 30.73
C SER B 187 -9.82 -8.58 31.30
N ILE B 188 -10.68 -9.21 32.05
CA ILE B 188 -11.73 -8.53 32.82
C ILE B 188 -11.14 -7.41 33.72
N ARG B 189 -10.07 -7.71 34.45
CA ARG B 189 -9.42 -6.67 35.29
C ARG B 189 -8.96 -5.55 34.42
N GLY B 190 -8.28 -5.89 33.33
CA GLY B 190 -7.79 -4.86 32.40
C GLY B 190 -8.90 -3.92 31.92
N LYS B 191 -10.03 -4.52 31.57
CA LYS B 191 -11.15 -3.77 31.04
C LYS B 191 -11.78 -2.91 32.18
N MET B 192 -11.80 -3.45 33.42
CA MET B 192 -12.34 -2.68 34.54
C MET B 192 -11.44 -1.47 34.84
N LYS B 193 -10.13 -1.66 34.77
CA LYS B 193 -9.19 -0.50 35.17
C LYS B 193 -9.38 0.55 34.04
N ALA B 194 -9.57 0.08 32.78
CA ALA B 194 -9.77 0.95 31.65
C ALA B 194 -11.06 1.79 31.76
N ARG B 195 -12.14 1.13 32.18
CA ARG B 195 -13.46 1.72 32.40
C ARG B 195 -13.30 2.87 33.43
N LYS B 196 -12.45 2.70 34.46
CA LYS B 196 -12.36 3.65 35.57
C LYS B 196 -11.44 4.87 35.26
N ALA B 197 -10.60 4.74 34.26
CA ALA B 197 -9.64 5.73 33.87
C ALA B 197 -10.28 7.04 33.41
N GLU B 198 -9.57 8.14 33.63
CA GLU B 198 -10.02 9.36 33.07
C GLU B 198 -9.39 9.48 31.69
N ILE B 199 -10.24 9.80 30.70
CA ILE B 199 -9.82 10.01 29.29
C ILE B 199 -10.24 11.46 28.99
N PRO B 200 -9.26 12.37 28.98
CA PRO B 200 -9.65 13.75 28.68
C PRO B 200 -10.12 13.83 27.19
N VAL B 201 -11.01 14.80 26.93
CA VAL B 201 -11.55 15.07 25.61
C VAL B 201 -11.15 16.51 25.26
N TYR B 202 -10.47 16.70 24.14
CA TYR B 202 -9.91 17.97 23.67
C TYR B 202 -10.62 18.49 22.43
N THR B 203 -11.15 19.67 22.55
CA THR B 203 -11.62 20.43 21.43
C THR B 203 -10.50 21.12 20.69
N ALA B 204 -10.80 21.63 19.52
CA ALA B 204 -9.84 22.41 18.77
C ALA B 204 -9.46 23.68 19.61
N ALA B 205 -10.47 24.33 20.17
CA ALA B 205 -10.24 25.55 20.99
C ALA B 205 -9.31 25.26 22.18
N ALA B 206 -9.52 24.14 22.84
CA ALA B 206 -8.67 23.73 23.96
C ALA B 206 -7.18 23.52 23.61
N LEU B 207 -6.94 23.10 22.41
CA LEU B 207 -5.62 22.79 21.92
C LEU B 207 -5.07 24.01 21.15
N GLU B 208 -5.89 25.08 21.03
CA GLU B 208 -5.56 26.26 20.21
C GLU B 208 -5.15 25.89 18.78
N ILE B 209 -5.84 24.92 18.17
CA ILE B 209 -5.58 24.58 16.80
C ILE B 209 -6.46 25.47 15.91
N PRO B 210 -5.85 26.22 14.99
CA PRO B 210 -6.72 27.00 14.08
C PRO B 210 -7.70 26.17 13.28
N LEU B 211 -8.92 26.68 13.23
CA LEU B 211 -10.04 26.00 12.54
C LEU B 211 -9.71 25.86 11.11
N ASP B 212 -8.97 26.75 10.48
CA ASP B 212 -8.76 26.66 9.02
C ASP B 212 -7.74 25.60 8.55
N ILE B 213 -7.11 24.87 9.49
CA ILE B 213 -6.13 23.86 9.16
C ILE B 213 -6.66 22.46 9.42
N ILE B 214 -7.86 22.40 9.98
CA ILE B 214 -8.46 21.14 10.39
C ILE B 214 -9.80 20.94 9.72
N GLY B 215 -10.32 19.73 9.83
CA GLY B 215 -11.67 19.39 9.22
C GLY B 215 -11.73 19.68 7.73
N LYS B 216 -12.96 19.91 7.23
CA LYS B 216 -13.11 20.25 5.85
C LYS B 216 -12.33 21.47 5.44
N ALA B 217 -12.33 22.48 6.36
CA ALA B 217 -11.69 23.76 6.01
C ALA B 217 -10.18 23.57 5.71
N GLY B 218 -9.54 22.66 6.46
CA GLY B 218 -8.11 22.39 6.27
C GLY B 218 -7.72 21.34 5.22
N SER B 219 -8.76 20.86 4.44
CA SER B 219 -8.65 19.73 3.46
C SER B 219 -8.49 20.21 2.02
N PRO B 220 -7.32 20.03 1.44
CA PRO B 220 -7.23 20.23 -0.02
C PRO B 220 -8.12 19.34 -0.93
N THR B 221 -8.31 18.12 -0.48
CA THR B 221 -9.12 17.21 -1.27
C THR B 221 -10.54 17.22 -0.70
N GLN B 222 -11.47 16.84 -1.61
CA GLN B 222 -12.88 16.63 -1.25
C GLN B 222 -13.40 15.39 -2.04
N VAL B 223 -14.09 14.49 -1.33
CA VAL B 223 -14.76 13.32 -2.00
C VAL B 223 -16.01 13.93 -2.62
N MET B 224 -16.14 13.79 -3.94
CA MET B 224 -17.26 14.43 -4.65
C MET B 224 -18.41 13.44 -4.81
N LYS B 225 -18.04 12.17 -4.79
CA LYS B 225 -18.98 11.08 -5.08
C LYS B 225 -18.37 9.75 -4.69
N SER B 226 -19.24 8.88 -4.19
CA SER B 226 -18.84 7.52 -3.97
C SER B 226 -19.91 6.59 -4.37
N PHE B 227 -19.47 5.40 -4.76
CA PHE B 227 -20.36 4.37 -5.38
C PHE B 227 -19.80 3.00 -5.09
N THR B 228 -20.71 2.02 -5.17
CA THR B 228 -20.30 0.62 -5.07
C THR B 228 -19.84 0.24 -6.48
N PRO B 229 -18.59 -0.24 -6.62
CA PRO B 229 -18.25 -0.78 -7.95
C PRO B 229 -19.03 -2.08 -8.32
N LYS B 230 -19.29 -2.26 -9.64
CA LYS B 230 -19.81 -3.51 -10.22
C LYS B 230 -18.81 -4.63 -10.06
N VAL B 231 -19.31 -5.84 -9.81
CA VAL B 231 -18.43 -7.02 -9.68
C VAL B 231 -18.97 -8.03 -10.62
N THR B 232 -18.15 -8.45 -11.57
CA THR B 232 -18.62 -9.47 -12.55
C THR B 232 -18.59 -10.87 -11.91
N GLN B 233 -19.77 -11.50 -11.82
CA GLN B 233 -19.86 -12.85 -11.26
C GLN B 233 -19.03 -13.82 -12.11
N VAL B 234 -18.29 -14.69 -11.42
CA VAL B 234 -17.47 -15.73 -12.06
C VAL B 234 -18.23 -17.03 -11.87
N HIS B 235 -18.39 -17.74 -12.95
CA HIS B 235 -19.18 -19.04 -12.97
C HIS B 235 -18.24 -20.21 -13.13
N GLY B 236 -17.54 -20.57 -12.05
CA GLY B 236 -16.41 -21.51 -12.14
C GLY B 236 -16.77 -22.96 -12.49
N GLU B 237 -15.84 -23.64 -13.15
CA GLU B 237 -15.94 -25.03 -13.50
C GLU B 237 -15.06 -25.74 -12.47
N ILE B 238 -15.74 -26.37 -11.51
CA ILE B 238 -14.97 -26.88 -10.40
C ILE B 238 -15.20 -28.38 -10.40
N PHE B 239 -14.12 -29.16 -10.50
CA PHE B 239 -14.17 -30.61 -10.54
C PHE B 239 -13.93 -31.20 -9.16
N ASP B 240 -14.76 -32.13 -8.73
CA ASP B 240 -14.68 -32.66 -7.33
C ASP B 240 -14.71 -34.19 -7.36
N ASP B 241 -14.23 -34.77 -8.45
CA ASP B 241 -14.12 -36.27 -8.56
C ASP B 241 -13.29 -36.86 -7.41
N GLU B 242 -13.70 -38.05 -6.99
CA GLU B 242 -13.04 -38.82 -5.88
C GLU B 242 -11.58 -39.04 -6.20
N ASP B 243 -11.34 -39.47 -7.44
CA ASP B 243 -10.02 -39.88 -7.92
C ASP B 243 -9.39 -38.60 -8.38
N PRO B 244 -8.31 -38.17 -7.68
CA PRO B 244 -7.65 -36.93 -8.11
C PRO B 244 -7.10 -36.98 -9.55
N ALA B 245 -6.70 -38.15 -10.05
CA ALA B 245 -6.27 -38.29 -11.44
C ALA B 245 -7.40 -37.94 -12.40
N VAL B 246 -8.64 -38.26 -12.05
CA VAL B 246 -9.76 -37.94 -12.93
C VAL B 246 -10.03 -36.39 -12.95
N ALA B 247 -10.17 -35.84 -11.75
CA ALA B 247 -10.31 -34.38 -11.59
C ALA B 247 -9.23 -33.62 -12.40
N VAL B 248 -7.97 -34.07 -12.31
CA VAL B 248 -6.84 -33.41 -12.99
C VAL B 248 -7.01 -33.55 -14.56
N ASP B 249 -7.29 -34.73 -15.06
CA ASP B 249 -7.62 -34.88 -16.46
C ASP B 249 -8.65 -33.88 -16.96
N LYS B 250 -9.77 -33.78 -16.24
CA LYS B 250 -10.83 -32.86 -16.60
C LYS B 250 -10.36 -31.41 -16.54
N LEU B 251 -9.67 -31.10 -15.46
CA LEU B 251 -9.22 -29.74 -15.38
C LEU B 251 -8.30 -29.37 -16.54
N VAL B 252 -7.29 -30.22 -16.77
CA VAL B 252 -6.28 -29.89 -17.79
C VAL B 252 -6.96 -29.82 -19.18
N ASN B 253 -7.79 -30.81 -19.53
N ASN B 253 -7.82 -30.81 -19.48
CA ASN B 253 -8.41 -30.77 -20.89
CA ASN B 253 -8.63 -30.79 -20.75
C ASN B 253 -9.26 -29.46 -21.07
C ASN B 253 -9.15 -29.41 -21.00
N LYS B 254 -9.88 -28.96 -19.99
CA LYS B 254 -10.59 -27.70 -20.05
C LYS B 254 -9.60 -26.51 -20.18
N LEU B 255 -8.50 -26.49 -19.40
CA LEU B 255 -7.51 -25.40 -19.49
C LEU B 255 -6.90 -25.32 -20.89
N ILE B 256 -6.62 -26.50 -21.43
CA ILE B 256 -6.20 -26.61 -22.87
C ILE B 256 -7.19 -26.02 -23.91
N GLU B 257 -8.44 -26.48 -23.82
CA GLU B 257 -9.53 -26.15 -24.75
C GLU B 257 -9.82 -24.67 -24.65
N ASP B 258 -9.67 -24.10 -23.44
CA ASP B 258 -9.97 -22.69 -23.23
C ASP B 258 -8.72 -21.77 -23.42
N LYS B 259 -7.60 -22.35 -23.84
CA LYS B 259 -6.42 -21.58 -24.28
C LYS B 259 -5.75 -20.93 -23.03
N ILE B 260 -5.91 -21.63 -21.89
CA ILE B 260 -5.31 -21.11 -20.59
C ILE B 260 -3.87 -21.66 -20.47
N ILE B 261 -3.69 -22.94 -20.81
CA ILE B 261 -2.44 -23.66 -20.84
C ILE B 261 -2.12 -23.86 -22.34
N THR B 262 -0.91 -23.44 -22.77
CA THR B 262 -0.41 -23.57 -24.13
C THR B 262 0.88 -24.37 -24.19
N LYS B 263 1.29 -24.73 -25.42
CA LYS B 263 2.41 -25.70 -25.60
C LYS B 263 3.77 -25.09 -25.26
PA FAD C . -6.51 -20.64 6.05
O1A FAD C . -6.26 -21.36 7.38
O2A FAD C . -7.59 -19.58 6.03
O5B FAD C . -6.95 -21.65 4.89
C5B FAD C . -6.28 -22.89 4.69
C4B FAD C . -7.07 -23.60 3.56
O4B FAD C . -6.27 -24.80 3.27
C3B FAD C . -8.54 -23.92 3.83
O3B FAD C . -9.39 -23.38 2.82
C2B FAD C . -8.57 -25.49 3.77
O2B FAD C . -9.79 -26.02 3.26
C1B FAD C . -7.35 -25.72 2.93
N9A FAD C . -6.78 -27.09 3.03
C8A FAD C . -6.44 -27.75 4.16
N7A FAD C . -5.77 -28.89 3.85
C5A FAD C . -5.71 -28.92 2.50
C6A FAD C . -5.13 -29.83 1.51
N6A FAD C . -4.51 -30.95 1.87
N1A FAD C . -5.21 -29.47 0.22
C2A FAD C . -5.84 -28.32 -0.18
N3A FAD C . -6.40 -27.40 0.65
C4A FAD C . -6.36 -27.73 1.94
N1 FAD C . -3.36 -12.68 4.41
C2 FAD C . -2.58 -12.77 3.35
O2 FAD C . -2.61 -13.95 2.68
N3 FAD C . -1.98 -11.77 2.72
C4 FAD C . -1.91 -10.51 3.37
O4 FAD C . -1.28 -9.58 2.85
C4X FAD C . -2.72 -10.33 4.51
N5 FAD C . -2.77 -9.16 5.24
C5X FAD C . -3.56 -8.99 6.32
C6 FAD C . -3.73 -7.74 6.97
C7 FAD C . -4.53 -7.64 8.09
C7M FAD C . -4.65 -6.27 8.68
C8 FAD C . -5.24 -8.79 8.69
C8M FAD C . -6.18 -8.79 9.82
C9 FAD C . -5.16 -10.06 7.95
C9A FAD C . -4.27 -10.17 6.93
N10 FAD C . -4.13 -11.44 6.22
C10 FAD C . -3.38 -11.49 5.09
C1' FAD C . -4.65 -12.67 6.79
C2' FAD C . -5.91 -13.27 6.43
O2' FAD C . -6.89 -12.68 7.29
C3' FAD C . -5.88 -14.81 6.64
O3' FAD C . -5.58 -15.11 8.02
C4' FAD C . -4.97 -15.61 5.67
O4' FAD C . -5.02 -15.08 4.33
C5' FAD C . -5.35 -17.13 5.64
O5' FAD C . -4.28 -17.75 4.95
P FAD C . -4.65 -19.23 4.35
O1P FAD C . -3.37 -19.71 3.87
O2P FAD C . -5.78 -19.11 3.36
O3P FAD C . -5.08 -20.15 5.56
CL CL D . 11.75 17.00 8.04
PA FAD E . -4.46 6.41 6.83
O1A FAD E . -3.70 7.49 6.25
O2A FAD E . -4.38 5.10 6.06
O5B FAD E . -4.12 6.09 8.37
C5B FAD E . -2.73 5.79 8.60
C4B FAD E . -2.53 5.80 10.14
O4B FAD E . -2.65 7.16 10.61
C3B FAD E . -3.53 5.06 10.97
O3B FAD E . -3.34 3.59 10.91
C2B FAD E . -3.42 5.70 12.38
O2B FAD E . -2.23 5.23 12.98
C1B FAD E . -3.25 7.16 11.89
N9A FAD E . -4.51 7.83 11.80
C8A FAD E . -5.41 7.99 10.70
N7A FAD E . -6.52 8.59 11.12
C5A FAD E . -6.40 8.82 12.46
C6A FAD E . -7.32 9.38 13.38
N6A FAD E . -8.52 9.86 13.02
N1A FAD E . -6.85 9.52 14.66
C2A FAD E . -5.65 9.00 15.01
N3A FAD E . -4.77 8.51 14.18
C4A FAD E . -5.12 8.31 12.87
N1 FAD E . -8.28 11.61 2.29
C2 FAD E . -7.23 11.91 1.49
O2 FAD E . -6.43 12.86 1.82
N3 FAD E . -6.96 11.35 0.23
C4 FAD E . -7.83 10.41 -0.24
O4 FAD E . -7.49 9.86 -1.32
C4X FAD E . -8.98 10.10 0.56
N5 FAD E . -9.94 9.15 0.09
C5X FAD E . -11.04 8.86 0.81
C6 FAD E . -12.02 7.92 0.36
C7 FAD E . -13.10 7.61 1.09
C7M FAD E . -14.12 6.63 0.60
C8 FAD E . -13.41 8.20 2.36
C8M FAD E . -14.58 7.79 3.17
C9 FAD E . -12.43 9.06 2.90
C9A FAD E . -11.30 9.41 2.18
N10 FAD E . -10.28 10.35 2.68
C10 FAD E . -9.25 10.63 1.90
C1' FAD E . -10.34 10.97 4.04
C2' FAD E . -9.58 10.03 4.99
O2' FAD E . -10.11 8.66 5.16
C3' FAD E . -9.46 10.70 6.39
O3' FAD E . -8.69 11.97 6.26
C4' FAD E . -8.87 9.87 7.51
O4' FAD E . -8.95 10.69 8.71
C5' FAD E . -7.41 9.52 7.37
O5' FAD E . -6.93 8.87 6.22
P FAD E . -7.13 7.25 6.09
O1P FAD E . -8.36 6.84 6.69
O2P FAD E . -6.62 6.94 4.75
O3P FAD E . -5.96 6.74 7.15
PA NAD F . -15.79 11.69 8.63
O1A NAD F . -15.91 13.23 8.63
O2A NAD F . -16.79 11.03 9.50
O5B NAD F . -14.34 11.29 9.17
C5B NAD F . -13.14 11.87 8.67
C4B NAD F . -12.15 12.01 9.79
O4B NAD F . -12.70 12.94 10.73
C3B NAD F . -11.85 10.71 10.57
O3B NAD F . -10.47 10.57 10.97
C2B NAD F . -12.80 10.79 11.74
O2B NAD F . -12.43 9.99 12.90
C1B NAD F . -12.76 12.31 12.04
N9A NAD F . -13.93 12.76 12.74
C8A NAD F . -15.25 12.77 12.40
N7A NAD F . -16.06 13.37 13.28
C5A NAD F . -15.17 13.87 14.25
C6A NAD F . -15.35 14.60 15.42
N6A NAD F . -16.57 14.96 15.83
N1A NAD F . -14.23 14.87 16.17
C2A NAD F . -13.01 14.52 15.77
N3A NAD F . -12.71 13.80 14.65
C4A NAD F . -13.80 13.51 13.85
O3 NAD F . -15.88 11.17 7.07
PN NAD F . -15.08 9.88 6.40
O1N NAD F . -14.71 8.61 7.22
O2N NAD F . -16.23 9.72 5.49
O5D NAD F . -13.80 10.56 5.82
#